data_9L9B
#
_entry.id   9L9B
#
_cell.length_a   62.043
_cell.length_b   61.855
_cell.length_c   279.128
_cell.angle_alpha   90.00
_cell.angle_beta   90.00
_cell.angle_gamma   90.00
#
_symmetry.space_group_name_H-M   'P 21 21 21'
#
loop_
_entity.id
_entity.type
_entity.pdbx_description
1 polymer 'Ryanodine receptor 3'
2 non-polymer "ADENOSINE-5'-DIPHOSPHATE"
3 non-polymer Dantrolene
4 water water
#
_entity_poly.entity_id   1
_entity_poly.type   'polypeptide(L)'
_entity_poly.pdbx_seq_one_letter_code
;SNASFIPCPVDTSQVILPPHLEKIRDRLAENIHELWGMNKIELGWTFGKIRDDNKRQHPCLVEFSKLPETEKNYNLQMST
ETLKTLLALGCHIAHVNPAAEEDLKKVKLPKNYMMSNGYKPAPLDLSDVKLLPPQEILVDKLAENAHNVWAKDRIKQGWT
YGIQQDLKNKRNPRLVPYALLDERTKKSNRDSLREAVRTFVGYGYNIEPSDQELADSA
;
_entity_poly.pdbx_strand_id   B,D,C,A
#
loop_
_chem_comp.id
_chem_comp.type
_chem_comp.name
_chem_comp.formula
ADP non-polymer ADENOSINE-5'-DIPHOSPHATE 'C10 H15 N5 O10 P2'
U1C non-polymer Dantrolene 'C14 H10 N4 O5'
#
# COMPACT_ATOMS: atom_id res chain seq x y z
N SER A 4 -24.64 18.28 27.05
CA SER A 4 -24.25 19.21 26.00
C SER A 4 -23.12 20.12 26.48
N PHE A 5 -22.38 20.68 25.53
CA PHE A 5 -21.15 21.40 25.83
C PHE A 5 -21.10 22.70 25.03
N ILE A 6 -20.74 23.79 25.70
CA ILE A 6 -20.62 25.10 25.05
C ILE A 6 -19.24 25.66 25.32
N PRO A 7 -18.46 25.99 24.29
CA PRO A 7 -17.12 26.59 24.49
C PRO A 7 -17.11 28.12 24.50
N CYS A 8 -16.51 28.72 25.53
CA CYS A 8 -16.42 30.17 25.64
C CYS A 8 -15.01 30.56 26.08
N PRO A 9 -14.13 30.91 25.13
CA PRO A 9 -12.75 31.25 25.46
C PRO A 9 -12.64 32.65 26.04
N VAL A 10 -11.39 33.07 26.26
CA VAL A 10 -11.13 34.39 26.84
C VAL A 10 -11.49 35.47 25.83
N ASP A 11 -11.85 36.64 26.33
CA ASP A 11 -12.34 37.73 25.49
C ASP A 11 -11.17 38.49 24.88
N THR A 12 -11.10 38.51 23.54
CA THR A 12 -10.15 39.32 22.79
C THR A 12 -10.87 40.34 21.92
N SER A 13 -12.13 40.64 22.23
CA SER A 13 -12.96 41.44 21.34
C SER A 13 -12.56 42.92 21.34
N GLN A 14 -11.98 43.41 22.43
CA GLN A 14 -11.69 44.83 22.55
C GLN A 14 -10.25 45.14 22.18
N VAL A 15 -9.38 44.13 22.18
CA VAL A 15 -7.96 44.30 21.89
C VAL A 15 -7.76 44.30 20.38
N ILE A 16 -6.69 44.96 19.95
CA ILE A 16 -6.26 44.95 18.56
C ILE A 16 -4.77 44.67 18.57
N LEU A 17 -4.25 44.28 17.41
CA LEU A 17 -2.84 43.93 17.32
C LEU A 17 -2.09 45.07 16.67
N PRO A 18 -1.10 45.67 17.34
CA PRO A 18 -0.36 46.75 16.74
C PRO A 18 0.27 46.30 15.44
N PRO A 19 0.54 47.24 14.52
CA PRO A 19 1.01 46.82 13.19
C PRO A 19 2.34 46.09 13.21
N HIS A 20 3.20 46.37 14.20
CA HIS A 20 4.50 45.73 14.28
C HIS A 20 4.44 44.28 14.73
N LEU A 21 3.27 43.78 15.13
CA LEU A 21 3.12 42.36 15.48
C LEU A 21 2.70 41.48 14.31
N GLU A 22 2.25 42.05 13.19
CA GLU A 22 1.87 41.22 12.06
C GLU A 22 3.08 40.52 11.46
N LYS A 23 4.27 41.09 11.59
CA LYS A 23 5.47 40.47 11.05
C LYS A 23 5.73 39.12 11.71
N ILE A 24 5.54 39.04 13.02
CA ILE A 24 5.73 37.77 13.72
C ILE A 24 4.56 36.82 13.50
N ARG A 25 3.38 37.35 13.15
CA ARG A 25 2.23 36.49 12.91
C ARG A 25 2.44 35.61 11.69
N ASP A 26 3.07 36.15 10.63
CA ASP A 26 3.27 35.34 9.43
C ASP A 26 4.29 34.23 9.63
N ARG A 27 5.31 34.45 10.46
CA ARG A 27 6.32 33.41 10.68
C ARG A 27 5.84 32.36 11.68
N LEU A 28 4.94 32.71 12.60
CA LEU A 28 4.40 31.71 13.51
C LEU A 28 3.51 30.73 12.76
N ALA A 29 2.67 31.22 11.84
CA ALA A 29 1.79 30.35 11.09
C ALA A 29 2.54 29.43 10.14
N GLU A 30 3.76 29.82 9.74
CA GLU A 30 4.54 28.99 8.82
C GLU A 30 5.08 27.75 9.51
N ASN A 31 5.73 27.93 10.66
CA ASN A 31 6.35 26.80 11.36
C ASN A 31 5.32 25.84 11.95
N ILE A 32 4.10 26.31 12.21
CA ILE A 32 3.04 25.43 12.70
C ILE A 32 2.55 24.49 11.61
N HIS A 33 2.73 24.85 10.34
CA HIS A 33 2.31 23.98 9.24
C HIS A 33 3.30 22.86 8.97
N GLU A 34 4.61 23.14 9.11
CA GLU A 34 5.61 22.11 8.87
C GLU A 34 5.54 21.00 9.92
N LEU A 35 5.13 21.33 11.15
CA LEU A 35 4.96 20.31 12.17
C LEU A 35 3.83 19.34 11.84
N TRP A 36 2.78 19.83 11.18
CA TRP A 36 1.66 18.98 10.83
C TRP A 36 2.01 18.00 9.71
N GLY A 37 2.79 18.45 8.72
CA GLY A 37 3.20 17.56 7.65
C GLY A 37 4.12 16.46 8.13
N MET A 38 5.03 16.78 9.05
CA MET A 38 5.93 15.77 9.58
C MET A 38 5.19 14.71 10.39
N ASN A 39 4.26 15.14 11.24
CA ASN A 39 3.51 14.21 12.07
C ASN A 39 2.51 13.40 11.26
N LYS A 40 2.22 13.78 10.02
CA LYS A 40 1.39 12.96 9.15
C LYS A 40 2.20 11.99 8.33
N ILE A 41 3.42 12.37 7.93
CA ILE A 41 4.30 11.40 7.30
C ILE A 41 4.68 10.31 8.28
N GLU A 42 4.83 10.67 9.56
CA GLU A 42 5.06 9.68 10.59
C GLU A 42 3.84 8.81 10.82
N LEU A 43 2.67 9.21 10.33
CA LEU A 43 1.43 8.47 10.52
C LEU A 43 1.00 7.71 9.27
N GLY A 44 1.76 7.80 8.18
CA GLY A 44 1.50 7.01 7.00
C GLY A 44 0.54 7.56 5.95
N TRP A 45 0.64 8.85 5.64
CA TRP A 45 -0.18 9.45 4.59
C TRP A 45 0.65 9.77 3.35
N THR A 46 0.14 9.35 2.20
CA THR A 46 0.75 9.58 0.90
C THR A 46 0.05 10.74 0.20
N PHE A 47 0.42 10.97 -1.06
CA PHE A 47 -0.05 12.09 -1.86
C PHE A 47 -1.15 11.70 -2.85
N GLY A 48 -1.90 12.70 -3.27
CA GLY A 48 -2.88 12.55 -4.33
C GLY A 48 -3.53 13.89 -4.61
N LYS A 49 -4.41 13.89 -5.62
CA LYS A 49 -5.21 15.06 -5.96
C LYS A 49 -6.68 14.85 -5.67
N ILE A 50 -7.04 13.63 -5.26
CA ILE A 50 -8.37 13.30 -4.75
C ILE A 50 -8.14 12.67 -3.39
N ARG A 51 -9.14 12.76 -2.52
CA ARG A 51 -8.95 12.40 -1.11
C ARG A 51 -9.56 11.03 -0.85
N ASP A 52 -8.68 10.06 -0.59
CA ASP A 52 -9.08 8.69 -0.27
C ASP A 52 -8.51 8.35 1.10
N ASP A 53 -9.39 8.08 2.06
CA ASP A 53 -8.95 7.83 3.44
C ASP A 53 -8.27 6.47 3.56
N ASN A 54 -8.76 5.46 2.84
CA ASN A 54 -8.17 4.13 2.92
C ASN A 54 -6.88 4.03 2.14
N LYS A 55 -6.70 4.85 1.11
CA LYS A 55 -5.49 4.83 0.30
C LYS A 55 -4.36 5.67 0.90
N ARG A 56 -4.65 6.49 1.90
CA ARG A 56 -3.64 7.32 2.55
C ARG A 56 -3.00 8.29 1.55
N GLN A 57 -3.83 9.13 0.96
CA GLN A 57 -3.39 10.17 0.03
C GLN A 57 -4.16 11.44 0.32
N HIS A 58 -3.44 12.56 0.43
CA HIS A 58 -4.12 13.81 0.75
C HIS A 58 -3.47 14.99 0.05
N PRO A 59 -4.26 15.92 -0.49
CA PRO A 59 -3.69 17.02 -1.28
C PRO A 59 -3.07 18.13 -0.44
N CYS A 60 -3.47 18.29 0.82
CA CYS A 60 -2.99 19.42 1.61
C CYS A 60 -1.76 19.04 2.41
N LEU A 61 -0.78 18.47 1.70
CA LEU A 61 0.51 18.11 2.27
C LEU A 61 1.64 18.81 1.54
N VAL A 62 1.35 19.97 0.95
CA VAL A 62 2.34 20.68 0.14
C VAL A 62 2.75 21.97 0.85
N GLU A 63 3.57 22.78 0.19
CA GLU A 63 4.10 23.98 0.80
C GLU A 63 3.00 25.00 1.06
N PHE A 64 3.32 25.94 1.94
CA PHE A 64 2.44 27.04 2.31
C PHE A 64 1.87 27.80 1.11
N SER A 65 2.62 27.85 0.01
CA SER A 65 2.23 28.73 -1.09
C SER A 65 1.03 28.22 -1.91
N LYS A 66 0.88 26.91 -2.08
CA LYS A 66 -0.17 26.40 -2.97
C LYS A 66 -1.41 25.91 -2.23
N LEU A 67 -1.57 26.21 -0.95
CA LEU A 67 -2.81 25.74 -0.37
C LEU A 67 -3.95 26.67 -0.77
N PRO A 68 -5.19 26.16 -0.83
CA PRO A 68 -6.31 27.03 -1.20
C PRO A 68 -6.47 28.20 -0.25
N GLU A 69 -6.91 29.33 -0.80
CA GLU A 69 -7.16 30.52 0.01
C GLU A 69 -8.30 30.33 0.99
N THR A 70 -9.23 29.41 0.70
CA THR A 70 -10.33 29.17 1.62
C THR A 70 -9.86 28.50 2.92
N GLU A 71 -8.86 27.64 2.82
CA GLU A 71 -8.36 26.89 3.97
C GLU A 71 -7.30 27.66 4.76
N LYS A 72 -6.43 28.37 4.05
CA LYS A 72 -5.32 29.09 4.69
C LYS A 72 -5.77 30.23 5.59
N ASN A 73 -6.98 30.75 5.41
CA ASN A 73 -7.43 31.84 6.26
C ASN A 73 -7.66 31.38 7.69
N TYR A 74 -8.08 30.13 7.88
CA TYR A 74 -8.30 29.62 9.23
C TYR A 74 -6.99 29.60 10.01
N ASN A 75 -5.89 29.25 9.34
CA ASN A 75 -4.59 29.19 10.02
C ASN A 75 -4.09 30.59 10.38
N LEU A 76 -4.27 31.56 9.48
CA LEU A 76 -3.78 32.91 9.77
C LEU A 76 -4.58 33.59 10.88
N GLN A 77 -5.88 33.30 10.99
CA GLN A 77 -6.66 33.94 12.04
C GLN A 77 -6.36 33.33 13.40
N MET A 78 -6.07 32.03 13.46
CA MET A 78 -5.76 31.40 14.73
C MET A 78 -4.37 31.74 15.21
N SER A 79 -3.47 32.15 14.31
CA SER A 79 -2.21 32.74 14.73
C SER A 79 -2.42 34.12 15.33
N THR A 80 -3.46 34.83 14.89
CA THR A 80 -3.74 36.15 15.44
C THR A 80 -4.36 36.05 16.83
N GLU A 81 -5.38 35.19 16.98
CA GLU A 81 -6.04 35.05 18.27
C GLU A 81 -5.08 34.62 19.37
N THR A 82 -4.05 33.84 19.03
CA THR A 82 -3.09 33.42 20.06
C THR A 82 -2.26 34.60 20.56
N LEU A 83 -1.78 35.45 19.66
CA LEU A 83 -1.06 36.64 20.08
C LEU A 83 -1.99 37.66 20.73
N LYS A 84 -3.24 37.73 20.27
CA LYS A 84 -4.20 38.68 20.85
C LYS A 84 -4.67 38.23 22.22
N THR A 85 -4.66 36.93 22.51
CA THR A 85 -5.04 36.45 23.84
C THR A 85 -3.98 36.77 24.88
N LEU A 86 -2.71 36.83 24.48
CA LEU A 86 -1.65 37.15 25.44
C LEU A 86 -1.81 38.56 25.98
N LEU A 87 -2.30 39.49 25.17
CA LEU A 87 -2.52 40.85 25.64
C LEU A 87 -3.68 40.90 26.63
N ALA A 88 -4.62 39.96 26.53
CA ALA A 88 -5.79 39.92 27.40
C ALA A 88 -5.47 39.44 28.81
N LEU A 89 -4.25 38.98 29.08
CA LEU A 89 -3.85 38.52 30.39
C LEU A 89 -3.05 39.56 31.15
N GLY A 90 -2.94 40.78 30.62
CA GLY A 90 -2.26 41.87 31.26
C GLY A 90 -0.77 41.90 30.95
N CYS A 91 -0.32 41.12 29.98
CA CYS A 91 1.08 41.04 29.58
C CYS A 91 1.23 41.56 28.16
N HIS A 92 2.46 41.92 27.81
CA HIS A 92 2.80 42.42 26.49
C HIS A 92 4.13 41.82 26.08
N ILE A 93 4.37 41.78 24.77
CA ILE A 93 5.59 41.21 24.22
C ILE A 93 6.41 42.32 23.58
N ALA A 94 7.69 42.36 23.93
CA ALA A 94 8.62 43.39 23.47
C ALA A 94 9.88 42.73 22.98
N HIS A 95 10.38 43.21 21.83
CA HIS A 95 11.59 42.66 21.24
C HIS A 95 12.82 43.25 21.92
N VAL A 96 13.73 42.39 22.36
CA VAL A 96 14.90 42.75 23.15
C VAL A 96 16.20 42.36 22.46
N ASN A 97 16.30 41.11 22.01
CA ASN A 97 17.57 40.55 21.56
C ASN A 97 17.75 40.76 20.07
N PRO A 98 18.84 41.43 19.64
CA PRO A 98 19.08 41.61 18.20
C PRO A 98 19.80 40.42 17.55
N ALA A 99 20.35 39.50 18.34
CA ALA A 99 21.09 38.36 17.80
C ALA A 99 20.18 37.21 17.37
N ALA A 100 19.03 37.54 16.79
CA ALA A 100 18.06 36.57 16.31
C ALA A 100 17.87 36.72 14.80
N GLU A 101 17.35 35.67 14.19
CA GLU A 101 17.07 35.51 12.76
C GLU A 101 18.30 35.07 11.98
N GLU A 102 19.52 35.19 12.53
CA GLU A 102 20.69 34.57 11.93
C GLU A 102 21.20 33.35 12.71
N ASP A 103 20.69 33.15 13.92
CA ASP A 103 21.12 32.07 14.80
C ASP A 103 20.20 30.86 14.73
N LEU A 104 19.43 30.70 13.65
CA LEU A 104 18.43 29.65 13.60
C LEU A 104 18.62 28.82 12.33
N LYS A 105 18.02 27.64 12.35
CA LYS A 105 18.14 26.69 11.26
C LYS A 105 16.90 25.80 11.23
N LYS A 106 16.76 25.06 10.15
CA LYS A 106 15.65 24.13 9.98
C LYS A 106 16.14 22.70 10.14
N VAL A 107 15.20 21.79 10.34
CA VAL A 107 15.55 20.40 10.61
C VAL A 107 15.91 19.72 9.30
N LYS A 108 16.88 18.81 9.35
CA LYS A 108 17.26 18.00 8.19
C LYS A 108 16.77 16.58 8.45
N LEU A 109 15.83 16.14 7.64
CA LEU A 109 15.21 14.83 7.72
C LEU A 109 15.79 13.91 6.66
N PRO A 110 15.53 12.60 6.77
CA PRO A 110 16.06 11.68 5.77
C PRO A 110 15.35 11.82 4.42
N LYS A 111 15.73 11.01 3.45
CA LYS A 111 15.22 11.16 2.09
C LYS A 111 13.82 10.58 1.90
N ASN A 112 13.37 9.70 2.80
CA ASN A 112 12.07 9.07 2.63
C ASN A 112 10.89 9.94 3.05
N TYR A 113 11.16 11.09 3.68
CA TYR A 113 10.08 11.99 4.06
C TYR A 113 9.56 12.81 2.89
N MET A 114 10.18 12.71 1.73
CA MET A 114 9.75 13.45 0.55
C MET A 114 8.58 12.75 -0.14
N ASN A 117 6.91 13.94 -5.59
CA ASN A 117 5.95 15.01 -5.30
C ASN A 117 6.67 16.33 -5.02
N GLY A 118 7.98 16.23 -4.79
CA GLY A 118 8.82 17.41 -4.61
C GLY A 118 8.90 18.00 -3.21
N TYR A 119 7.77 18.04 -2.51
CA TYR A 119 7.71 18.70 -1.21
C TYR A 119 8.27 17.83 -0.10
N LYS A 120 8.95 18.46 0.85
CA LYS A 120 9.45 17.82 2.05
C LYS A 120 9.32 18.78 3.22
N PRO A 121 8.59 18.43 4.28
CA PRO A 121 8.42 19.34 5.41
C PRO A 121 9.72 19.58 6.14
N ALA A 122 9.85 20.77 6.73
CA ALA A 122 11.07 21.13 7.44
C ALA A 122 10.80 22.20 8.50
N PRO A 123 10.34 21.81 9.68
CA PRO A 123 10.18 22.78 10.77
C PRO A 123 11.52 23.33 11.22
N LEU A 124 11.47 24.42 11.97
CA LEU A 124 12.68 25.02 12.51
C LEU A 124 13.18 24.19 13.70
N ASP A 125 14.48 24.30 13.95
CA ASP A 125 15.11 23.58 15.07
C ASP A 125 15.04 24.50 16.29
N LEU A 126 14.04 24.29 17.13
CA LEU A 126 13.84 25.08 18.34
C LEU A 126 13.97 24.21 19.59
N SER A 127 15.13 23.60 19.80
CA SER A 127 15.27 22.59 20.84
C SER A 127 16.10 23.03 22.03
N ASP A 128 17.04 23.96 21.84
CA ASP A 128 17.84 24.52 22.93
C ASP A 128 17.22 25.79 23.53
N VAL A 129 15.90 25.89 23.57
CA VAL A 129 15.21 27.08 24.07
C VAL A 129 14.39 26.69 25.28
N LYS A 130 14.80 27.15 26.45
CA LYS A 130 14.14 26.83 27.71
C LYS A 130 13.22 27.96 28.16
N LEU A 131 12.30 27.61 29.07
CA LEU A 131 11.30 28.52 29.58
C LEU A 131 11.35 28.59 31.10
N LEU A 132 10.98 29.75 31.65
CA LEU A 132 10.88 29.92 33.09
C LEU A 132 9.53 29.38 33.57
N PRO A 133 9.41 29.10 34.86
CA PRO A 133 8.15 28.56 35.40
C PRO A 133 6.96 29.41 35.03
N PRO A 134 7.03 30.73 35.21
CA PRO A 134 5.86 31.55 34.84
C PRO A 134 5.50 31.48 33.37
N GLN A 135 6.48 31.18 32.51
CA GLN A 135 6.19 31.01 31.09
C GLN A 135 5.62 29.63 30.80
N GLU A 136 5.99 28.62 31.60
CA GLU A 136 5.47 27.28 31.40
C GLU A 136 4.07 27.13 31.98
N ILE A 137 3.75 27.87 33.05
CA ILE A 137 2.37 27.93 33.52
C ILE A 137 1.49 28.68 32.53
N LEU A 138 2.09 29.54 31.72
CA LEU A 138 1.34 30.26 30.70
C LEU A 138 0.90 29.33 29.57
N VAL A 139 1.78 28.43 29.13
CA VAL A 139 1.42 27.50 28.07
C VAL A 139 0.36 26.51 28.51
N ASP A 140 0.21 26.29 29.82
CA ASP A 140 -0.87 25.42 30.29
C ASP A 140 -2.23 26.09 30.13
N LYS A 141 -2.30 27.40 30.35
CA LYS A 141 -3.57 28.12 30.20
C LYS A 141 -3.92 28.35 28.74
N LEU A 142 -2.91 28.60 27.89
CA LEU A 142 -3.17 28.89 26.48
C LEU A 142 -3.66 27.65 25.74
N ALA A 143 -3.23 26.45 26.13
CA ALA A 143 -3.64 25.25 25.42
C ALA A 143 -5.12 24.97 25.60
N GLU A 144 -5.65 25.17 26.81
CA GLU A 144 -7.07 24.95 27.05
C GLU A 144 -7.92 26.00 26.35
N ASN A 145 -7.38 27.21 26.14
CA ASN A 145 -8.12 28.24 25.43
C ASN A 145 -8.19 27.93 23.94
N ALA A 146 -7.10 27.40 23.37
CA ALA A 146 -7.10 27.05 21.95
C ALA A 146 -8.15 25.99 21.64
N HIS A 147 -8.43 25.08 22.58
CA HIS A 147 -9.49 24.12 22.37
C HIS A 147 -10.85 24.80 22.34
N ASN A 148 -11.06 25.79 23.21
CA ASN A 148 -12.32 26.51 23.25
C ASN A 148 -12.52 27.38 22.02
N VAL A 149 -11.44 27.92 21.45
CA VAL A 149 -11.57 28.69 20.22
C VAL A 149 -11.92 27.78 19.05
N TRP A 150 -11.28 26.61 18.98
CA TRP A 150 -11.64 25.63 17.96
C TRP A 150 -13.05 25.12 18.16
N ALA A 151 -13.46 24.96 19.42
CA ALA A 151 -14.78 24.42 19.72
C ALA A 151 -15.90 25.38 19.35
N LYS A 152 -15.64 26.69 19.46
CA LYS A 152 -16.67 27.68 19.19
C LYS A 152 -16.91 27.88 17.70
N ASP A 153 -15.86 27.73 16.88
CA ASP A 153 -16.02 27.83 15.44
C ASP A 153 -16.80 26.64 14.89
N ARG A 154 -16.55 25.45 15.44
CA ARG A 154 -17.21 24.24 14.95
C ARG A 154 -18.70 24.21 15.27
N ILE A 155 -19.11 24.74 16.42
CA ILE A 155 -20.53 24.76 16.75
C ILE A 155 -21.29 25.67 15.80
N LYS A 156 -20.70 26.80 15.43
CA LYS A 156 -21.34 27.71 14.49
C LYS A 156 -21.37 27.15 13.06
N GLN A 157 -20.40 26.31 12.71
CA GLN A 157 -20.36 25.74 11.37
C GLN A 157 -21.25 24.50 11.22
N GLY A 158 -21.86 24.04 12.30
CA GLY A 158 -22.87 23.01 12.23
C GLY A 158 -22.42 21.59 12.54
N TRP A 159 -21.25 21.41 13.13
CA TRP A 159 -20.75 20.07 13.44
C TRP A 159 -21.11 19.69 14.88
N THR A 160 -21.64 18.48 15.05
CA THR A 160 -22.04 17.95 16.34
C THR A 160 -21.12 16.80 16.73
N TYR A 161 -21.53 16.00 17.71
CA TYR A 161 -20.74 14.89 18.22
C TYR A 161 -21.30 13.56 17.72
N GLY A 162 -20.39 12.67 17.35
CA GLY A 162 -20.76 11.30 17.01
C GLY A 162 -19.74 10.33 17.58
N ILE A 163 -19.77 9.08 17.12
CA ILE A 163 -18.79 8.10 17.55
C ILE A 163 -17.75 7.90 16.45
N GLN A 164 -18.16 8.14 15.21
CA GLN A 164 -17.29 8.02 14.05
C GLN A 164 -17.28 9.33 13.28
N GLN A 165 -16.08 9.79 12.92
CA GLN A 165 -15.96 10.97 12.09
C GLN A 165 -16.57 10.70 10.72
N ASP A 166 -17.18 11.72 10.13
CA ASP A 166 -17.89 11.55 8.88
C ASP A 166 -17.72 12.77 7.99
N LEU A 167 -17.24 12.54 6.76
CA LEU A 167 -17.06 13.61 5.80
C LEU A 167 -18.34 13.97 5.06
N LYS A 168 -19.34 13.10 5.06
CA LYS A 168 -20.64 13.42 4.47
C LYS A 168 -21.64 13.93 5.51
N ASN A 169 -21.45 13.60 6.78
CA ASN A 169 -22.30 14.06 7.87
C ASN A 169 -21.41 14.71 8.93
N LYS A 170 -21.47 16.04 9.03
CA LYS A 170 -20.64 16.77 9.98
C LYS A 170 -20.71 16.13 11.36
N ARG A 171 -19.60 15.55 11.81
CA ARG A 171 -19.55 14.84 13.08
C ARG A 171 -18.11 14.52 13.44
N ASN A 172 -17.78 14.69 14.72
CA ASN A 172 -16.44 14.46 15.26
C ASN A 172 -16.57 14.00 16.71
N PRO A 173 -15.88 12.94 17.11
CA PRO A 173 -16.04 12.42 18.48
C PRO A 173 -15.42 13.30 19.57
N ARG A 174 -14.56 14.27 19.24
CA ARG A 174 -13.86 15.04 20.26
C ARG A 174 -14.66 16.23 20.79
N LEU A 175 -15.95 16.32 20.51
CA LEU A 175 -16.75 17.46 20.95
C LEU A 175 -17.07 17.30 22.44
N VAL A 176 -16.07 17.61 23.27
CA VAL A 176 -16.21 17.46 24.72
C VAL A 176 -15.40 18.55 25.42
N PRO A 177 -15.73 18.87 26.68
CA PRO A 177 -14.90 19.80 27.46
C PRO A 177 -13.48 19.28 27.61
N TYR A 178 -12.57 20.20 27.96
CA TYR A 178 -11.16 19.83 28.09
C TYR A 178 -10.96 18.82 29.21
N ALA A 179 -11.85 18.82 30.21
CA ALA A 179 -11.74 17.88 31.31
C ALA A 179 -12.11 16.47 30.88
N LEU A 180 -12.99 16.34 29.88
CA LEU A 180 -13.38 15.05 29.33
C LEU A 180 -12.58 14.71 28.08
N LEU A 181 -11.35 15.19 27.98
CA LEU A 181 -10.51 14.99 26.82
C LEU A 181 -9.40 13.99 27.13
N ASP A 182 -9.14 13.10 26.17
CA ASP A 182 -8.08 12.12 26.34
C ASP A 182 -6.73 12.81 26.40
N GLU A 183 -5.85 12.32 27.27
CA GLU A 183 -4.56 12.97 27.45
C GLU A 183 -3.73 12.91 26.17
N ARG A 184 -3.96 11.90 25.32
CA ARG A 184 -3.23 11.84 24.05
C ARG A 184 -3.53 13.05 23.19
N THR A 185 -4.79 13.49 23.16
CA THR A 185 -5.14 14.74 22.48
C THR A 185 -4.79 15.94 23.34
N LYS A 186 -5.09 15.87 24.64
CA LYS A 186 -4.81 16.98 25.54
C LYS A 186 -3.36 17.40 25.45
N LYS A 187 -2.45 16.44 25.34
CA LYS A 187 -1.02 16.76 25.25
C LYS A 187 -0.71 17.49 23.95
N SER A 188 -1.23 17.00 22.83
CA SER A 188 -0.93 17.61 21.54
C SER A 188 -1.36 19.08 21.47
N ASN A 189 -2.41 19.46 22.21
CA ASN A 189 -2.75 20.88 22.26
C ASN A 189 -1.75 21.67 23.08
N ARG A 190 -1.18 21.05 24.11
CA ARG A 190 -0.21 21.75 24.95
C ARG A 190 1.15 21.81 24.27
N ASP A 191 1.47 20.81 23.44
CA ASP A 191 2.74 20.82 22.71
C ASP A 191 2.74 21.84 21.58
N SER A 192 1.56 22.19 21.06
CA SER A 192 1.49 23.18 19.99
C SER A 192 1.76 24.58 20.52
N LEU A 193 1.36 24.86 21.76
CA LEU A 193 1.65 26.16 22.37
C LEU A 193 3.10 26.26 22.81
N ARG A 194 3.74 25.14 23.14
CA ARG A 194 5.16 25.16 23.44
C ARG A 194 5.97 25.61 22.21
N GLU A 195 5.62 25.08 21.03
CA GLU A 195 6.25 25.55 19.80
C GLU A 195 5.85 26.99 19.48
N ALA A 196 4.66 27.41 19.90
CA ALA A 196 4.23 28.78 19.64
C ALA A 196 5.03 29.77 20.49
N VAL A 197 5.17 29.49 21.79
CA VAL A 197 5.93 30.38 22.65
C VAL A 197 7.42 30.35 22.29
N ARG A 198 7.95 29.15 21.99
CA ARG A 198 9.35 29.06 21.58
C ARG A 198 9.61 29.72 20.25
N THR A 199 8.59 29.86 19.40
CA THR A 199 8.77 30.56 18.13
C THR A 199 8.94 32.05 18.35
N PHE A 200 8.31 32.60 19.39
CA PHE A 200 8.46 34.01 19.71
C PHE A 200 9.87 34.32 20.23
N VAL A 201 10.36 33.49 21.15
CA VAL A 201 11.69 33.70 21.70
C VAL A 201 12.76 33.50 20.65
N GLY A 202 12.51 32.65 19.66
CA GLY A 202 13.51 32.41 18.62
C GLY A 202 13.75 33.60 17.72
N TYR A 203 12.77 34.51 17.62
CA TYR A 203 12.93 35.73 16.85
C TYR A 203 13.27 36.94 17.72
N GLY A 204 13.25 36.81 19.04
CA GLY A 204 13.71 37.85 19.92
C GLY A 204 12.67 38.57 20.78
N TYR A 205 11.51 37.97 21.03
CA TYR A 205 10.44 38.62 21.79
C TYR A 205 10.41 38.15 23.24
N ASN A 206 10.22 39.10 24.16
CA ASN A 206 10.06 38.82 25.58
C ASN A 206 8.62 39.02 26.00
N ILE A 207 8.13 38.13 26.86
CA ILE A 207 6.76 38.16 27.37
C ILE A 207 6.79 38.64 28.82
N GLU A 208 6.37 39.88 29.05
CA GLU A 208 6.28 40.47 30.38
C GLU A 208 4.96 41.19 30.53
N PRO A 209 4.61 41.59 31.76
CA PRO A 209 3.39 42.39 31.94
C PRO A 209 3.50 43.73 31.23
N SER A 210 2.35 44.33 30.95
CA SER A 210 2.33 45.58 30.21
C SER A 210 2.34 46.78 31.17
N ILE B 6 7.36 7.45 36.12
CA ILE B 6 8.25 6.33 36.32
C ILE B 6 8.32 5.54 35.02
N PRO B 7 9.05 4.41 35.03
CA PRO B 7 9.03 3.55 33.84
C PRO B 7 7.91 2.53 33.91
N CYS B 8 7.01 2.58 32.94
CA CYS B 8 5.88 1.65 32.86
C CYS B 8 5.63 1.32 31.40
N PRO B 9 6.15 0.19 30.91
CA PRO B 9 6.00 -0.13 29.48
C PRO B 9 4.59 -0.58 29.14
N VAL B 10 4.39 -0.95 27.86
CA VAL B 10 3.07 -1.35 27.39
C VAL B 10 2.68 -2.71 27.95
N ASP B 11 1.35 -2.91 28.07
CA ASP B 11 0.79 -4.13 28.64
C ASP B 11 0.71 -5.21 27.58
N THR B 12 1.34 -6.36 27.85
CA THR B 12 1.28 -7.52 26.96
C THR B 12 0.54 -8.71 27.60
N SER B 13 -0.29 -8.47 28.60
CA SER B 13 -0.88 -9.56 29.37
C SER B 13 -1.95 -10.30 28.57
N GLN B 14 -2.59 -9.63 27.60
CA GLN B 14 -3.75 -10.15 26.89
C GLN B 14 -3.46 -10.73 25.51
N VAL B 15 -2.26 -10.54 24.97
CA VAL B 15 -2.03 -10.86 23.56
C VAL B 15 -1.88 -12.36 23.34
N ILE B 16 -2.32 -12.81 22.16
CA ILE B 16 -2.12 -14.18 21.70
C ILE B 16 -1.70 -14.15 20.23
N LEU B 17 -1.08 -15.24 19.77
CA LEU B 17 -0.65 -15.30 18.38
C LEU B 17 -1.44 -16.33 17.59
N PRO B 18 -2.26 -15.92 16.62
CA PRO B 18 -2.94 -16.88 15.73
C PRO B 18 -1.93 -17.68 14.93
N PRO B 19 -2.33 -18.83 14.39
CA PRO B 19 -1.33 -19.69 13.72
C PRO B 19 -0.62 -19.01 12.56
N HIS B 20 -1.27 -18.05 11.89
CA HIS B 20 -0.57 -17.37 10.81
C HIS B 20 0.47 -16.40 11.32
N LEU B 21 0.45 -16.05 12.61
CA LEU B 21 1.48 -15.22 13.19
C LEU B 21 2.54 -16.01 13.95
N GLU B 22 2.23 -17.23 14.39
CA GLU B 22 3.20 -18.05 15.10
C GLU B 22 4.26 -18.65 14.19
N LYS B 23 3.90 -18.95 12.94
CA LYS B 23 4.85 -19.57 12.02
C LYS B 23 6.04 -18.65 11.72
N ILE B 24 5.77 -17.36 11.53
CA ILE B 24 6.84 -16.40 11.26
C ILE B 24 7.59 -16.01 12.52
N ARG B 25 6.98 -16.17 13.69
CA ARG B 25 7.65 -15.81 14.94
C ARG B 25 8.92 -16.64 15.15
N ASP B 26 8.89 -17.90 14.75
CA ASP B 26 10.06 -18.76 14.91
C ASP B 26 11.22 -18.28 14.02
N ARG B 27 10.91 -17.64 12.91
CA ARG B 27 11.94 -17.15 12.00
C ARG B 27 12.64 -15.90 12.52
N LEU B 28 11.94 -15.10 13.33
CA LEU B 28 12.57 -13.91 13.90
C LEU B 28 13.64 -14.27 14.92
N ALA B 29 13.38 -15.27 15.75
CA ALA B 29 14.32 -15.65 16.81
C ALA B 29 15.61 -16.24 16.26
N GLU B 30 15.61 -16.75 15.03
CA GLU B 30 16.81 -17.37 14.48
C GLU B 30 17.89 -16.33 14.18
N ASN B 31 17.53 -15.27 13.45
CA ASN B 31 18.51 -14.25 13.10
C ASN B 31 18.98 -13.46 14.32
N ILE B 32 18.15 -13.38 15.36
CA ILE B 32 18.59 -12.71 16.58
C ILE B 32 19.63 -13.54 17.31
N HIS B 33 19.63 -14.86 17.12
CA HIS B 33 20.64 -15.70 17.74
C HIS B 33 21.94 -15.70 16.96
N GLU B 34 21.85 -15.77 15.63
CA GLU B 34 23.05 -15.68 14.80
C GLU B 34 23.63 -14.27 14.82
N LEU B 35 22.78 -13.26 15.03
CA LEU B 35 23.28 -11.90 15.17
C LEU B 35 24.12 -11.74 16.42
N TRP B 36 23.80 -12.50 17.48
CA TRP B 36 24.60 -12.42 18.70
C TRP B 36 25.96 -13.08 18.51
N GLY B 37 25.99 -14.22 17.82
CA GLY B 37 27.27 -14.85 17.54
C GLY B 37 28.11 -14.07 16.54
N MET B 38 27.47 -13.52 15.51
CA MET B 38 28.19 -12.76 14.50
C MET B 38 28.69 -11.44 15.07
N ASN B 39 27.84 -10.72 15.79
CA ASN B 39 28.23 -9.42 16.33
C ASN B 39 29.21 -9.54 17.48
N LYS B 40 29.36 -10.73 18.07
CA LYS B 40 30.34 -10.95 19.12
C LYS B 40 31.67 -11.50 18.61
N ILE B 41 31.65 -12.31 17.55
CA ILE B 41 32.90 -12.83 17.02
C ILE B 41 33.78 -11.70 16.49
N GLU B 42 33.16 -10.68 15.90
CA GLU B 42 33.91 -9.50 15.45
C GLU B 42 34.43 -8.66 16.61
N LEU B 43 33.97 -8.92 17.84
CA LEU B 43 34.33 -8.10 18.99
C LEU B 43 35.43 -8.70 19.86
N GLY B 44 36.00 -9.84 19.47
CA GLY B 44 37.12 -10.37 20.22
C GLY B 44 36.72 -11.28 21.38
N TRP B 45 35.80 -12.20 21.12
CA TRP B 45 35.33 -13.13 22.14
C TRP B 45 35.95 -14.50 21.87
N THR B 46 36.60 -15.05 22.89
CA THR B 46 37.18 -16.38 22.78
C THR B 46 36.25 -17.39 23.45
N PHE B 47 36.66 -18.65 23.47
CA PHE B 47 35.79 -19.67 24.01
C PHE B 47 36.25 -20.05 25.42
N GLY B 48 35.31 -20.55 26.21
CA GLY B 48 35.63 -21.02 27.55
C GLY B 48 34.39 -21.54 28.21
N LYS B 49 34.56 -21.96 29.47
CA LYS B 49 33.44 -22.41 30.29
C LYS B 49 33.12 -21.45 31.42
N ILE B 50 33.93 -20.41 31.63
CA ILE B 50 33.62 -19.34 32.55
C ILE B 50 33.76 -18.02 31.79
N ARG B 51 33.01 -17.01 32.21
CA ARG B 51 32.95 -15.75 31.47
C ARG B 51 33.77 -14.73 32.25
N ASP B 52 34.98 -14.48 31.78
CA ASP B 52 35.89 -13.50 32.36
C ASP B 52 36.38 -12.57 31.25
N ASP B 53 36.15 -11.26 31.42
CA ASP B 53 36.54 -10.34 30.35
C ASP B 53 38.05 -10.29 30.23
N ASN B 54 38.77 -10.40 31.35
CA ASN B 54 40.23 -10.41 31.29
C ASN B 54 40.76 -11.76 30.83
N LYS B 55 40.02 -12.85 31.07
CA LYS B 55 40.43 -14.16 30.61
C LYS B 55 39.95 -14.47 29.20
N ARG B 56 38.98 -13.72 28.68
CA ARG B 56 38.47 -13.88 27.32
C ARG B 56 37.92 -15.29 27.07
N GLN B 57 36.91 -15.69 27.84
CA GLN B 57 36.27 -16.98 27.64
C GLN B 57 34.77 -16.87 27.82
N HIS B 58 34.00 -17.38 26.85
CA HIS B 58 32.53 -17.37 26.87
C HIS B 58 32.04 -18.61 26.12
N PRO B 59 30.95 -19.24 26.58
CA PRO B 59 30.56 -20.54 26.02
C PRO B 59 29.28 -20.60 25.18
N CYS B 60 28.48 -19.54 25.14
CA CYS B 60 27.20 -19.58 24.44
C CYS B 60 27.29 -19.17 22.96
N LEU B 61 28.14 -19.89 22.21
CA LEU B 61 28.36 -19.60 20.79
C LEU B 61 28.00 -20.76 19.87
N VAL B 62 27.02 -21.59 20.23
CA VAL B 62 26.70 -22.76 19.41
C VAL B 62 25.37 -22.59 18.67
N GLU B 63 24.92 -23.64 17.99
CA GLU B 63 23.72 -23.52 17.16
C GLU B 63 22.50 -23.20 18.02
N PHE B 64 21.48 -22.60 17.38
CA PHE B 64 20.25 -22.30 18.08
C PHE B 64 19.63 -23.54 18.71
N SER B 65 19.80 -24.70 18.08
CA SER B 65 19.18 -25.92 18.61
C SER B 65 19.94 -26.44 19.82
N LYS B 66 21.24 -26.21 19.88
CA LYS B 66 22.10 -26.69 20.95
C LYS B 66 22.37 -25.63 22.01
N LEU B 67 21.62 -24.54 22.01
CA LEU B 67 21.77 -23.49 23.00
C LEU B 67 21.11 -23.89 24.31
N PRO B 68 21.56 -23.31 25.43
CA PRO B 68 20.97 -23.66 26.73
C PRO B 68 19.46 -23.41 26.72
N GLU B 69 18.76 -24.23 27.51
CA GLU B 69 17.30 -24.08 27.59
C GLU B 69 16.91 -22.72 28.15
N THR B 70 17.77 -22.13 28.98
CA THR B 70 17.52 -20.76 29.45
C THR B 70 17.74 -19.74 28.35
N GLU B 71 18.70 -19.99 27.46
CA GLU B 71 19.05 -19.02 26.42
C GLU B 71 18.13 -19.13 25.22
N LYS B 72 17.80 -20.35 24.79
CA LYS B 72 16.95 -20.49 23.61
C LYS B 72 15.54 -19.98 23.89
N ASN B 73 15.12 -19.99 25.15
CA ASN B 73 13.83 -19.44 25.52
C ASN B 73 13.83 -17.91 25.52
N TYR B 74 14.96 -17.31 25.90
CA TYR B 74 15.02 -15.85 26.02
C TYR B 74 14.80 -15.15 24.67
N ASN B 75 15.39 -15.67 23.59
CA ASN B 75 15.19 -15.03 22.30
C ASN B 75 13.77 -15.22 21.80
N LEU B 76 13.19 -16.41 22.03
CA LEU B 76 11.81 -16.63 21.66
C LEU B 76 10.87 -15.77 22.51
N GLN B 77 11.28 -15.45 23.74
CA GLN B 77 10.42 -14.69 24.65
C GLN B 77 10.32 -13.23 24.24
N MET B 78 11.45 -12.60 23.93
CA MET B 78 11.45 -11.18 23.59
C MET B 78 11.18 -10.89 22.13
N SER B 79 11.43 -11.84 21.23
CA SER B 79 11.00 -11.67 19.84
C SER B 79 9.49 -11.75 19.71
N THR B 80 8.84 -12.50 20.60
CA THR B 80 7.37 -12.60 20.57
C THR B 80 6.75 -11.31 21.09
N GLU B 81 7.25 -10.80 22.22
CA GLU B 81 6.70 -9.58 22.81
C GLU B 81 6.71 -8.43 21.82
N THR B 82 7.66 -8.42 20.88
CA THR B 82 7.68 -7.36 19.87
C THR B 82 6.43 -7.42 18.99
N LEU B 83 6.01 -8.63 18.62
CA LEU B 83 4.77 -8.76 17.86
C LEU B 83 3.56 -8.38 18.72
N LYS B 84 3.63 -8.67 20.02
CA LYS B 84 2.52 -8.35 20.91
C LYS B 84 2.43 -6.86 21.23
N THR B 85 3.55 -6.13 21.19
CA THR B 85 3.49 -4.70 21.44
C THR B 85 2.83 -3.95 20.28
N LEU B 86 3.05 -4.41 19.05
CA LEU B 86 2.36 -3.82 17.91
C LEU B 86 0.87 -4.13 17.95
N LEU B 87 0.49 -5.29 18.47
CA LEU B 87 -0.93 -5.60 18.57
C LEU B 87 -1.62 -4.67 19.56
N ALA B 88 -0.89 -4.21 20.57
CA ALA B 88 -1.43 -3.24 21.51
C ALA B 88 -1.48 -1.85 20.93
N LEU B 89 -0.82 -1.63 19.78
CA LEU B 89 -0.82 -0.35 19.10
C LEU B 89 -1.71 -0.32 17.86
N GLY B 90 -2.49 -1.37 17.63
CA GLY B 90 -3.46 -1.38 16.55
C GLY B 90 -2.99 -1.88 15.21
N CYS B 91 -1.89 -2.64 15.14
CA CYS B 91 -1.37 -3.12 13.87
C CYS B 91 -1.55 -4.62 13.74
N HIS B 92 -1.50 -5.09 12.49
CA HIS B 92 -1.62 -6.50 12.18
C HIS B 92 -0.66 -6.85 11.05
N ILE B 93 -0.25 -8.11 11.02
CA ILE B 93 0.67 -8.62 10.00
C ILE B 93 -0.04 -9.71 9.20
N ALA B 94 0.01 -9.60 7.89
CA ALA B 94 -0.66 -10.53 6.99
C ALA B 94 0.32 -10.93 5.88
N HIS B 95 0.34 -12.22 5.58
CA HIS B 95 1.20 -12.72 4.52
C HIS B 95 0.54 -12.49 3.17
N VAL B 96 1.30 -11.93 2.23
CA VAL B 96 0.75 -11.49 0.95
C VAL B 96 1.37 -12.34 -0.16
N ASN B 97 2.70 -12.34 -0.25
CA ASN B 97 3.38 -13.03 -1.33
C ASN B 97 3.82 -14.39 -0.83
N PRO B 98 3.39 -15.49 -1.46
CA PRO B 98 3.78 -16.82 -0.99
C PRO B 98 5.15 -17.28 -1.48
N ALA B 99 5.76 -16.57 -2.42
CA ALA B 99 7.03 -16.93 -3.02
C ALA B 99 8.21 -16.50 -2.14
N ALA B 100 8.16 -16.81 -0.86
CA ALA B 100 9.22 -16.44 0.07
C ALA B 100 9.99 -17.67 0.53
N GLU B 101 11.23 -17.43 0.97
CA GLU B 101 12.24 -18.42 1.35
C GLU B 101 13.01 -18.87 0.11
N GLU B 102 12.56 -18.53 -1.10
CA GLU B 102 13.27 -18.78 -2.34
C GLU B 102 13.92 -17.53 -2.93
N ASP B 103 13.67 -16.36 -2.34
CA ASP B 103 14.21 -15.10 -2.86
C ASP B 103 15.55 -14.76 -2.20
N LEU B 104 15.51 -14.43 -0.91
CA LEU B 104 16.66 -13.91 -0.18
C LEU B 104 17.61 -15.03 0.24
N LYS B 105 18.80 -14.61 0.69
CA LYS B 105 19.85 -15.52 1.11
C LYS B 105 20.66 -14.83 2.20
N LYS B 106 21.53 -15.61 2.84
CA LYS B 106 22.32 -15.13 3.96
C LYS B 106 23.77 -14.88 3.53
N VAL B 107 24.50 -14.17 4.38
CA VAL B 107 25.85 -13.73 4.06
C VAL B 107 26.81 -14.90 4.18
N LYS B 108 27.81 -14.92 3.30
CA LYS B 108 28.86 -15.93 3.30
C LYS B 108 30.16 -15.30 3.80
N LEU B 109 30.19 -15.01 5.11
CA LEU B 109 31.35 -14.43 5.77
C LEU B 109 32.58 -15.31 5.53
N PRO B 110 33.78 -14.83 5.84
CA PRO B 110 34.97 -15.65 5.59
C PRO B 110 35.04 -16.86 6.52
N LYS B 111 36.12 -17.63 6.41
CA LYS B 111 36.23 -18.89 7.13
C LYS B 111 36.58 -18.74 8.60
N ASN B 112 37.12 -17.58 9.01
CA ASN B 112 37.53 -17.42 10.40
C ASN B 112 36.38 -17.15 11.36
N TYR B 113 35.18 -16.86 10.85
CA TYR B 113 34.03 -16.61 11.69
C TYR B 113 33.08 -17.81 11.67
N ASN B 117 34.92 -25.07 16.75
CA ASN B 117 33.69 -25.48 17.43
C ASN B 117 32.68 -26.06 16.43
N GLY B 118 33.01 -25.94 15.15
CA GLY B 118 32.13 -26.44 14.10
C GLY B 118 30.85 -25.63 13.97
N TYR B 119 30.98 -24.33 13.74
CA TYR B 119 29.83 -23.45 13.64
C TYR B 119 30.27 -22.09 13.12
N LYS B 120 29.41 -21.47 12.31
CA LYS B 120 29.64 -20.12 11.82
C LYS B 120 28.32 -19.37 11.75
N PRO B 121 28.19 -18.24 12.45
CA PRO B 121 26.92 -17.49 12.41
C PRO B 121 26.68 -16.88 11.05
N ALA B 122 25.41 -16.72 10.69
CA ALA B 122 25.08 -16.19 9.38
C ALA B 122 23.70 -15.57 9.32
N PRO B 123 23.54 -14.31 9.73
CA PRO B 123 22.24 -13.64 9.58
C PRO B 123 21.89 -13.49 8.11
N LEU B 124 20.61 -13.22 7.85
CA LEU B 124 20.15 -13.03 6.48
C LEU B 124 20.55 -11.66 5.96
N ASP B 125 20.71 -11.56 4.63
CA ASP B 125 21.07 -10.32 3.97
C ASP B 125 19.79 -9.62 3.51
N LEU B 126 19.34 -8.64 4.29
CA LEU B 126 18.14 -7.88 3.96
C LEU B 126 18.52 -6.42 3.70
N SER B 127 19.33 -6.18 2.66
CA SER B 127 19.92 -4.87 2.45
C SER B 127 19.22 -4.09 1.34
N ASP B 128 18.57 -4.77 0.41
CA ASP B 128 17.74 -4.11 -0.59
C ASP B 128 16.31 -3.96 -0.11
N VAL B 129 16.12 -3.85 1.21
CA VAL B 129 14.81 -3.72 1.84
C VAL B 129 14.83 -2.42 2.62
N LYS B 130 14.07 -1.43 2.15
CA LYS B 130 14.01 -0.11 2.76
C LYS B 130 12.80 -0.01 3.69
N LEU B 131 12.79 1.03 4.51
CA LEU B 131 11.74 1.22 5.51
C LEU B 131 11.00 2.52 5.21
N LEU B 132 9.70 2.51 5.47
CA LEU B 132 8.85 3.67 5.28
C LEU B 132 8.88 4.58 6.49
N PRO B 133 8.50 5.85 6.32
CA PRO B 133 8.45 6.77 7.45
C PRO B 133 7.62 6.21 8.58
N PRO B 134 6.39 5.74 8.30
CA PRO B 134 5.58 5.14 9.36
C PRO B 134 6.22 3.88 9.92
N GLN B 135 7.04 3.20 9.12
CA GLN B 135 7.75 2.02 9.59
C GLN B 135 8.99 2.39 10.41
N GLU B 136 9.60 3.54 10.10
CA GLU B 136 10.76 4.01 10.85
C GLU B 136 10.38 4.65 12.18
N ILE B 137 9.23 5.32 12.25
CA ILE B 137 8.74 5.83 13.52
C ILE B 137 8.28 4.71 14.44
N LEU B 138 7.90 3.56 13.87
CA LEU B 138 7.46 2.43 14.69
C LEU B 138 8.64 1.83 15.46
N VAL B 139 9.79 1.67 14.81
CA VAL B 139 10.96 1.16 15.52
C VAL B 139 11.45 2.14 16.57
N ASP B 140 11.10 3.42 16.42
CA ASP B 140 11.44 4.39 17.46
C ASP B 140 10.62 4.16 18.72
N LYS B 141 9.38 3.72 18.58
CA LYS B 141 8.54 3.42 19.73
C LYS B 141 8.95 2.12 20.40
N LEU B 142 9.39 1.13 19.62
CA LEU B 142 9.82 -0.14 20.19
C LEU B 142 11.14 0.01 20.96
N ALA B 143 12.02 0.91 20.52
CA ALA B 143 13.32 1.04 21.18
C ALA B 143 13.18 1.62 22.57
N GLU B 144 12.37 2.65 22.77
CA GLU B 144 12.20 3.20 24.10
C GLU B 144 11.36 2.28 24.99
N ASN B 145 10.47 1.49 24.40
CA ASN B 145 9.71 0.53 25.20
C ASN B 145 10.57 -0.64 25.64
N ALA B 146 11.45 -1.11 24.76
CA ALA B 146 12.37 -2.19 25.13
C ALA B 146 13.30 -1.74 26.25
N HIS B 147 13.64 -0.45 26.28
CA HIS B 147 14.44 0.08 27.37
C HIS B 147 13.69 0.04 28.70
N ASN B 148 12.41 0.39 28.69
CA ASN B 148 11.64 0.39 29.92
C ASN B 148 11.37 -1.03 30.43
N VAL B 149 11.23 -2.00 29.51
CA VAL B 149 11.04 -3.38 29.95
C VAL B 149 12.33 -3.94 30.54
N TRP B 150 13.46 -3.68 29.88
CA TRP B 150 14.73 -4.15 30.43
C TRP B 150 15.03 -3.46 31.76
N ALA B 151 14.74 -2.17 31.86
CA ALA B 151 15.03 -1.46 33.10
C ALA B 151 14.07 -1.85 34.21
N LYS B 152 12.79 -2.04 33.86
CA LYS B 152 11.80 -2.38 34.87
C LYS B 152 11.80 -3.87 35.19
N ASP B 153 12.03 -4.72 34.17
CA ASP B 153 12.10 -6.15 34.41
C ASP B 153 13.38 -6.51 35.14
N ARG B 154 14.49 -5.86 34.79
CA ARG B 154 15.76 -6.11 35.46
C ARG B 154 15.74 -5.56 36.89
N ILE B 155 15.01 -4.46 37.11
CA ILE B 155 14.90 -3.92 38.46
C ILE B 155 14.18 -4.92 39.36
N LYS B 156 13.20 -5.64 38.81
CA LYS B 156 12.53 -6.69 39.57
C LYS B 156 13.48 -7.85 39.86
N GLN B 157 14.48 -8.05 38.99
CA GLN B 157 15.46 -9.11 39.15
C GLN B 157 16.59 -8.75 40.12
N GLY B 158 16.59 -7.54 40.67
CA GLY B 158 17.53 -7.19 41.72
C GLY B 158 18.73 -6.38 41.30
N TRP B 159 18.70 -5.73 40.15
CA TRP B 159 19.83 -4.96 39.64
C TRP B 159 19.71 -3.53 40.14
N THR B 160 20.79 -2.98 40.68
CA THR B 160 20.75 -1.64 41.23
C THR B 160 21.57 -0.67 40.37
N TYR B 161 21.76 0.55 40.88
CA TYR B 161 22.45 1.60 40.17
C TYR B 161 23.80 1.92 40.81
N GLY B 162 24.80 2.11 39.96
CA GLY B 162 26.09 2.63 40.40
C GLY B 162 26.66 3.59 39.38
N ILE B 163 27.95 3.89 39.50
CA ILE B 163 28.66 4.69 38.52
C ILE B 163 29.51 3.79 37.63
N GLN B 164 29.90 2.62 38.12
CA GLN B 164 30.67 1.63 37.38
C GLN B 164 29.85 0.35 37.33
N GLN B 165 29.75 -0.24 36.15
CA GLN B 165 29.01 -1.47 35.97
C GLN B 165 29.62 -2.61 36.78
N ASP B 166 28.77 -3.51 37.25
CA ASP B 166 29.21 -4.65 38.04
C ASP B 166 28.38 -5.86 37.64
N LEU B 167 29.05 -6.86 37.08
CA LEU B 167 28.41 -8.09 36.65
C LEU B 167 28.33 -9.15 37.74
N LYS B 168 29.13 -9.03 38.80
CA LYS B 168 29.03 -9.93 39.94
C LYS B 168 28.11 -9.40 41.02
N ASN B 169 27.88 -8.08 41.04
CA ASN B 169 26.92 -7.42 41.91
C ASN B 169 26.00 -6.66 40.97
N LYS B 170 24.80 -7.20 40.75
CA LYS B 170 23.87 -6.64 39.77
C LYS B 170 23.74 -5.13 39.89
N ARG B 171 24.25 -4.43 38.87
CA ARG B 171 24.28 -2.98 38.83
C ARG B 171 24.72 -2.54 37.44
N ASN B 172 24.07 -1.51 36.90
CA ASN B 172 24.38 -1.03 35.57
C ASN B 172 24.09 0.45 35.52
N PRO B 173 25.02 1.27 34.99
CA PRO B 173 24.83 2.73 35.01
C PRO B 173 23.74 3.24 34.07
N ARG B 174 23.23 2.42 33.15
CA ARG B 174 22.29 2.87 32.15
C ARG B 174 20.84 2.89 32.62
N LEU B 175 20.60 2.69 33.92
CA LEU B 175 19.26 2.75 34.49
C LEU B 175 18.92 4.23 34.76
N VAL B 176 18.56 4.92 33.69
CA VAL B 176 18.28 6.36 33.74
C VAL B 176 17.20 6.68 32.74
N PRO B 177 16.55 7.85 32.82
CA PRO B 177 15.59 8.21 31.78
C PRO B 177 16.25 8.17 30.41
N TYR B 178 15.41 8.02 29.39
CA TYR B 178 15.92 7.82 28.04
C TYR B 178 16.66 9.03 27.49
N ALA B 179 16.40 10.22 28.00
CA ALA B 179 17.08 11.42 27.50
C ALA B 179 18.54 11.49 27.93
N LEU B 180 18.89 10.89 29.07
CA LEU B 180 20.27 10.90 29.57
C LEU B 180 21.03 9.63 29.24
N LEU B 181 20.73 8.97 28.12
CA LEU B 181 21.41 7.74 27.74
C LEU B 181 22.33 8.03 26.56
N ASP B 182 23.53 7.45 26.60
CA ASP B 182 24.49 7.68 25.53
C ASP B 182 24.01 7.09 24.21
N GLU B 183 24.20 7.85 23.13
CA GLU B 183 23.75 7.40 21.82
C GLU B 183 24.49 6.16 21.35
N ARG B 184 25.73 5.96 21.80
CA ARG B 184 26.47 4.77 21.40
C ARG B 184 25.76 3.50 21.85
N THR B 185 25.18 3.52 23.04
CA THR B 185 24.37 2.39 23.49
C THR B 185 23.01 2.43 22.80
N LYS B 186 22.42 3.63 22.70
CA LYS B 186 21.12 3.80 22.09
C LYS B 186 21.07 3.19 20.68
N LYS B 187 22.13 3.38 19.90
CA LYS B 187 22.13 2.89 18.52
C LYS B 187 22.11 1.36 18.47
N SER B 188 22.97 0.70 19.25
CA SER B 188 23.00 -0.75 19.20
C SER B 188 21.65 -1.34 19.56
N ASN B 189 20.88 -0.65 20.40
CA ASN B 189 19.52 -1.05 20.68
C ASN B 189 18.61 -0.74 19.49
N ARG B 190 18.91 0.36 18.79
CA ARG B 190 18.08 0.85 17.69
C ARG B 190 18.26 0.05 16.41
N ASP B 191 19.47 -0.46 16.18
CA ASP B 191 19.77 -1.23 14.97
C ASP B 191 19.22 -2.65 15.03
N SER B 192 19.05 -3.20 16.23
CA SER B 192 18.55 -4.57 16.36
C SER B 192 17.06 -4.66 16.09
N LEU B 193 16.28 -3.64 16.45
CA LEU B 193 14.85 -3.68 16.20
C LEU B 193 14.51 -3.40 14.75
N ARG B 194 15.36 -2.64 14.05
CA ARG B 194 15.16 -2.44 12.62
C ARG B 194 15.28 -3.75 11.84
N GLU B 195 16.24 -4.59 12.21
CA GLU B 195 16.37 -5.90 11.57
C GLU B 195 15.18 -6.80 11.88
N ALA B 196 14.53 -6.61 13.04
CA ALA B 196 13.35 -7.41 13.34
C ALA B 196 12.19 -7.03 12.43
N VAL B 197 11.94 -5.72 12.28
CA VAL B 197 10.88 -5.27 11.39
C VAL B 197 11.23 -5.57 9.94
N ARG B 198 12.51 -5.39 9.58
CA ARG B 198 12.94 -5.69 8.21
C ARG B 198 12.85 -7.17 7.88
N THR B 199 12.91 -8.05 8.88
CA THR B 199 12.78 -9.47 8.61
C THR B 199 11.34 -9.85 8.25
N PHE B 200 10.35 -9.19 8.86
CA PHE B 200 8.96 -9.44 8.50
C PHE B 200 8.66 -8.88 7.12
N VAL B 201 9.09 -7.64 6.85
CA VAL B 201 8.90 -7.09 5.52
C VAL B 201 9.72 -7.86 4.51
N GLY B 202 10.85 -8.43 4.94
CA GLY B 202 11.70 -9.21 4.07
C GLY B 202 11.10 -10.55 3.69
N TYR B 203 10.14 -11.04 4.47
CA TYR B 203 9.44 -12.28 4.14
C TYR B 203 8.12 -12.03 3.44
N GLY B 204 7.71 -10.77 3.33
CA GLY B 204 6.55 -10.38 2.58
C GLY B 204 5.37 -9.91 3.40
N TYR B 205 5.59 -9.54 4.66
CA TYR B 205 4.52 -9.08 5.54
C TYR B 205 4.57 -7.57 5.68
N ASN B 206 3.40 -6.94 5.60
CA ASN B 206 3.27 -5.51 5.88
C ASN B 206 2.55 -5.35 7.21
N ILE B 207 3.02 -4.38 8.01
CA ILE B 207 2.43 -4.07 9.30
C ILE B 207 1.61 -2.80 9.07
N GLU B 208 0.29 -2.95 9.06
CA GLU B 208 -0.63 -1.85 8.79
C GLU B 208 -1.67 -1.79 9.89
N PRO B 209 -2.47 -0.72 9.92
CA PRO B 209 -3.51 -0.62 10.93
C PRO B 209 -4.53 -1.75 10.81
N SER B 210 -5.19 -2.04 11.91
CA SER B 210 -6.18 -3.11 11.97
C SER B 210 -7.57 -2.61 11.66
N PHE C 5 -23.10 -23.08 -26.80
CA PHE C 5 -23.63 -22.05 -25.93
C PHE C 5 -23.12 -20.67 -26.33
N ILE C 6 -24.00 -19.67 -26.25
CA ILE C 6 -23.67 -18.31 -26.65
C ILE C 6 -24.08 -17.34 -25.54
N PRO C 7 -23.14 -16.89 -24.70
CA PRO C 7 -23.49 -15.87 -23.70
C PRO C 7 -23.31 -14.46 -24.24
N CYS C 8 -24.38 -13.66 -24.21
CA CYS C 8 -24.32 -12.28 -24.67
C CYS C 8 -25.13 -11.40 -23.73
N PRO C 9 -24.50 -10.80 -22.73
CA PRO C 9 -25.22 -9.95 -21.77
C PRO C 9 -25.51 -8.59 -22.39
N VAL C 10 -26.12 -7.72 -21.59
CA VAL C 10 -26.41 -6.37 -22.05
C VAL C 10 -25.11 -5.57 -22.13
N ASP C 11 -25.08 -4.61 -23.04
CA ASP C 11 -23.86 -3.84 -23.29
C ASP C 11 -23.74 -2.71 -22.28
N THR C 12 -22.63 -2.69 -21.54
CA THR C 12 -22.32 -1.61 -20.61
C THR C 12 -21.07 -0.84 -21.04
N SER C 13 -20.70 -0.92 -22.32
CA SER C 13 -19.40 -0.40 -22.74
C SER C 13 -19.38 1.12 -22.81
N GLN C 14 -20.49 1.77 -23.14
CA GLN C 14 -20.44 3.21 -23.35
C GLN C 14 -21.04 4.05 -22.23
N VAL C 15 -21.97 3.51 -21.45
CA VAL C 15 -22.67 4.30 -20.44
C VAL C 15 -21.88 4.29 -19.15
N ILE C 16 -22.00 5.36 -18.36
CA ILE C 16 -21.42 5.43 -17.03
C ILE C 16 -22.43 6.03 -16.07
N LEU C 17 -22.18 5.83 -14.77
CA LEU C 17 -22.99 6.25 -13.64
C LEU C 17 -22.34 7.44 -12.95
N PRO C 18 -23.08 8.51 -12.68
CA PRO C 18 -22.46 9.72 -12.12
C PRO C 18 -21.65 9.41 -10.87
N PRO C 19 -20.65 10.25 -10.58
CA PRO C 19 -19.72 9.95 -9.48
C PRO C 19 -20.34 9.91 -8.09
N HIS C 20 -21.44 10.62 -7.85
CA HIS C 20 -21.98 10.63 -6.49
C HIS C 20 -22.58 9.29 -6.10
N LEU C 21 -22.61 8.34 -7.01
CA LEU C 21 -23.13 7.00 -6.77
C LEU C 21 -22.10 6.10 -6.12
N GLU C 22 -20.83 6.52 -6.06
CA GLU C 22 -19.79 5.71 -5.45
C GLU C 22 -20.05 5.53 -3.95
N LYS C 23 -20.76 6.46 -3.33
CA LYS C 23 -21.04 6.33 -1.90
C LYS C 23 -21.83 5.06 -1.62
N ILE C 24 -22.81 4.75 -2.46
CA ILE C 24 -23.57 3.51 -2.31
C ILE C 24 -22.82 2.32 -2.90
N ARG C 25 -21.91 2.56 -3.86
CA ARG C 25 -21.18 1.45 -4.46
C ARG C 25 -20.27 0.75 -3.47
N ASP C 26 -19.54 1.51 -2.65
CA ASP C 26 -18.67 0.89 -1.65
C ASP C 26 -19.48 0.27 -0.51
N ARG C 27 -20.64 0.85 -0.19
CA ARG C 27 -21.45 0.31 0.89
C ARG C 27 -22.18 -0.95 0.45
N LEU C 28 -22.50 -1.04 -0.84
CA LEU C 28 -23.10 -2.27 -1.37
C LEU C 28 -22.07 -3.39 -1.40
N ALA C 29 -20.86 -3.08 -1.83
CA ALA C 29 -19.80 -4.09 -1.94
C ALA C 29 -19.31 -4.57 -0.58
N GLU C 30 -19.46 -3.76 0.47
CA GLU C 30 -18.97 -4.17 1.79
C GLU C 30 -19.86 -5.25 2.39
N ASN C 31 -21.16 -4.97 2.50
CA ASN C 31 -22.07 -5.97 3.08
C ASN C 31 -22.29 -7.15 2.15
N ILE C 32 -22.12 -6.96 0.84
CA ILE C 32 -22.19 -8.10 -0.07
C ILE C 32 -21.00 -9.02 0.15
N HIS C 33 -19.90 -8.47 0.67
CA HIS C 33 -18.74 -9.29 1.00
C HIS C 33 -18.90 -9.96 2.36
N GLU C 34 -19.50 -9.27 3.33
CA GLU C 34 -19.70 -9.86 4.65
C GLU C 34 -20.74 -10.97 4.61
N LEU C 35 -21.72 -10.90 3.70
CA LEU C 35 -22.67 -11.99 3.58
C LEU C 35 -21.99 -13.24 3.05
N TRP C 36 -21.00 -13.08 2.17
CA TRP C 36 -20.27 -14.23 1.65
C TRP C 36 -19.28 -14.79 2.66
N GLY C 37 -18.62 -13.91 3.42
CA GLY C 37 -17.68 -14.37 4.42
C GLY C 37 -18.35 -15.16 5.53
N MET C 38 -19.53 -14.71 5.95
CA MET C 38 -20.26 -15.44 6.99
C MET C 38 -20.74 -16.79 6.49
N ASN C 39 -21.23 -16.84 5.25
CA ASN C 39 -21.75 -18.09 4.69
C ASN C 39 -20.67 -19.11 4.42
N LYS C 40 -19.39 -18.74 4.49
CA LYS C 40 -18.32 -19.73 4.39
C LYS C 40 -17.98 -20.31 5.75
N ILE C 41 -18.15 -19.52 6.82
CA ILE C 41 -18.02 -20.08 8.16
C ILE C 41 -19.10 -21.12 8.38
N GLU C 42 -20.28 -20.93 7.78
CA GLU C 42 -21.34 -21.93 7.86
C GLU C 42 -20.98 -23.21 7.11
N LEU C 43 -19.97 -23.18 6.24
CA LEU C 43 -19.56 -24.34 5.48
C LEU C 43 -18.28 -24.98 6.03
N GLY C 44 -17.73 -24.45 7.12
CA GLY C 44 -16.58 -25.03 7.75
C GLY C 44 -15.29 -24.52 7.15
N TRP C 45 -15.25 -23.22 6.86
CA TRP C 45 -14.10 -22.56 6.26
C TRP C 45 -13.46 -21.69 7.32
N THR C 46 -12.15 -21.85 7.52
CA THR C 46 -11.43 -21.08 8.53
C THR C 46 -10.65 -19.93 7.90
N PHE C 47 -9.91 -19.22 8.76
CA PHE C 47 -9.14 -18.05 8.38
C PHE C 47 -7.67 -18.42 8.22
N GLY C 48 -6.98 -17.66 7.38
CA GLY C 48 -5.55 -17.87 7.20
C GLY C 48 -5.00 -16.91 6.18
N LYS C 49 -3.71 -17.05 5.91
CA LYS C 49 -3.03 -16.29 4.87
C LYS C 49 -2.58 -17.16 3.70
N ILE C 50 -2.79 -18.47 3.77
CA ILE C 50 -2.50 -19.38 2.66
C ILE C 50 -3.75 -20.18 2.31
N ARG C 51 -3.79 -20.63 1.05
CA ARG C 51 -4.96 -21.26 0.45
C ARG C 51 -4.74 -22.76 0.34
N ASP C 52 -5.48 -23.52 1.15
CA ASP C 52 -5.44 -24.99 1.10
C ASP C 52 -6.86 -25.48 0.82
N ASP C 53 -7.04 -26.15 -0.32
CA ASP C 53 -8.37 -26.55 -0.76
C ASP C 53 -8.92 -27.70 0.07
N ASN C 54 -8.08 -28.68 0.42
CA ASN C 54 -8.56 -29.82 1.19
C ASN C 54 -8.72 -29.52 2.67
N LYS C 55 -7.96 -28.55 3.20
CA LYS C 55 -8.04 -28.17 4.60
C LYS C 55 -9.14 -27.16 4.87
N ARG C 56 -9.76 -26.59 3.83
CA ARG C 56 -10.81 -25.59 3.98
C ARG C 56 -10.28 -24.37 4.73
N GLN C 57 -9.22 -23.80 4.17
CA GLN C 57 -8.60 -22.59 4.69
C GLN C 57 -8.19 -21.74 3.49
N HIS C 58 -8.55 -20.45 3.54
CA HIS C 58 -8.26 -19.56 2.43
C HIS C 58 -7.96 -18.20 3.02
N PRO C 59 -7.03 -17.44 2.43
CA PRO C 59 -6.55 -16.20 3.08
C PRO C 59 -7.58 -15.09 3.12
N CYS C 60 -8.65 -15.17 2.34
CA CYS C 60 -9.62 -14.08 2.21
C CYS C 60 -10.78 -14.20 3.21
N LEU C 61 -10.42 -14.20 4.49
CA LEU C 61 -11.42 -14.23 5.56
C LEU C 61 -11.38 -12.96 6.41
N VAL C 62 -10.90 -11.86 5.84
CA VAL C 62 -10.78 -10.58 6.55
C VAL C 62 -11.70 -9.54 5.91
N GLU C 63 -11.60 -8.31 6.39
CA GLU C 63 -12.42 -7.21 5.91
C GLU C 63 -12.13 -6.89 4.45
N PHE C 64 -13.06 -6.20 3.80
CA PHE C 64 -12.82 -5.71 2.46
C PHE C 64 -11.52 -4.90 2.42
N SER C 65 -11.17 -4.26 3.55
CA SER C 65 -9.98 -3.43 3.61
C SER C 65 -8.72 -4.29 3.63
N LYS C 66 -8.79 -5.50 4.18
CA LYS C 66 -7.63 -6.38 4.31
C LYS C 66 -7.57 -7.41 3.19
N LEU C 67 -8.42 -7.29 2.18
CA LEU C 67 -8.37 -8.17 1.02
C LEU C 67 -7.32 -7.68 0.03
N PRO C 68 -6.77 -8.58 -0.79
CA PRO C 68 -5.80 -8.13 -1.80
C PRO C 68 -6.41 -7.06 -2.69
N GLU C 69 -5.54 -6.17 -3.18
CA GLU C 69 -6.03 -5.10 -4.04
C GLU C 69 -6.65 -5.64 -5.31
N THR C 70 -6.23 -6.84 -5.75
CA THR C 70 -6.86 -7.48 -6.89
C THR C 70 -8.26 -7.97 -6.55
N GLU C 71 -8.49 -8.39 -5.30
CA GLU C 71 -9.78 -8.94 -4.93
C GLU C 71 -10.79 -7.86 -4.61
N LYS C 72 -10.37 -6.81 -3.90
CA LYS C 72 -11.31 -5.73 -3.58
C LYS C 72 -11.70 -4.97 -4.83
N ASN C 73 -10.85 -4.97 -5.86
CA ASN C 73 -11.19 -4.33 -7.12
C ASN C 73 -12.22 -5.15 -7.89
N TYR C 74 -12.16 -6.47 -7.77
CA TYR C 74 -13.08 -7.34 -8.49
C TYR C 74 -14.52 -7.09 -8.06
N ASN C 75 -14.73 -6.80 -6.77
CA ASN C 75 -16.08 -6.55 -6.27
C ASN C 75 -16.66 -5.28 -6.87
N LEU C 76 -15.83 -4.25 -7.08
CA LEU C 76 -16.32 -2.99 -7.62
C LEU C 76 -16.82 -3.12 -9.06
N GLN C 77 -16.32 -4.09 -9.83
CA GLN C 77 -16.73 -4.18 -11.22
C GLN C 77 -18.18 -4.62 -11.35
N MET C 78 -18.61 -5.61 -10.56
CA MET C 78 -20.00 -6.02 -10.65
C MET C 78 -20.92 -5.16 -9.78
N SER C 79 -20.37 -4.43 -8.80
CA SER C 79 -21.19 -3.42 -8.17
C SER C 79 -21.52 -2.33 -9.17
N THR C 80 -20.59 -2.08 -10.11
CA THR C 80 -20.82 -1.15 -11.21
C THR C 80 -21.54 -1.81 -12.39
N GLU C 81 -21.00 -2.93 -12.89
CA GLU C 81 -21.59 -3.55 -14.08
C GLU C 81 -23.04 -3.91 -13.84
N THR C 82 -23.38 -4.29 -12.62
CA THR C 82 -24.78 -4.46 -12.26
C THR C 82 -25.47 -3.10 -12.23
N LEU C 83 -24.78 -2.08 -11.71
CA LEU C 83 -25.32 -0.73 -11.73
C LEU C 83 -25.46 -0.21 -13.15
N LYS C 84 -24.54 -0.57 -14.05
CA LYS C 84 -24.68 -0.15 -15.43
C LYS C 84 -25.80 -0.92 -16.11
N THR C 85 -26.08 -2.13 -15.64
CA THR C 85 -27.23 -2.88 -16.12
C THR C 85 -28.52 -2.29 -15.59
N LEU C 86 -28.46 -1.66 -14.42
CA LEU C 86 -29.65 -1.01 -13.86
C LEU C 86 -30.08 0.17 -14.73
N LEU C 87 -29.11 0.94 -15.23
CA LEU C 87 -29.42 2.08 -16.09
C LEU C 87 -29.73 1.66 -17.52
N ALA C 88 -29.14 0.56 -18.01
CA ALA C 88 -29.34 0.14 -19.39
C ALA C 88 -30.69 -0.50 -19.65
N LEU C 89 -31.44 -0.86 -18.61
CA LEU C 89 -32.77 -1.45 -18.77
C LEU C 89 -33.89 -0.48 -18.43
N GLY C 90 -33.58 0.80 -18.24
CA GLY C 90 -34.63 1.80 -18.03
C GLY C 90 -35.04 2.11 -16.60
N CYS C 91 -34.21 1.82 -15.61
CA CYS C 91 -34.58 2.10 -14.24
C CYS C 91 -33.74 3.26 -13.69
N HIS C 92 -34.29 3.92 -12.68
CA HIS C 92 -33.60 5.04 -12.05
C HIS C 92 -33.83 5.03 -10.55
N ILE C 93 -32.88 5.61 -9.81
CA ILE C 93 -32.97 5.68 -8.36
C ILE C 93 -32.99 7.14 -7.92
N ALA C 94 -33.03 7.35 -6.61
CA ALA C 94 -33.10 8.69 -6.03
C ALA C 94 -33.01 8.56 -4.51
N HIS C 95 -32.35 9.53 -3.87
CA HIS C 95 -32.33 9.61 -2.42
C HIS C 95 -33.49 10.51 -1.99
N VAL C 96 -34.33 10.01 -1.10
CA VAL C 96 -35.55 10.76 -0.77
C VAL C 96 -35.67 11.11 0.71
N ASN C 97 -35.75 10.09 1.56
CA ASN C 97 -36.07 10.29 2.97
C ASN C 97 -34.81 10.24 3.84
N PRO C 98 -34.54 11.27 4.63
CA PRO C 98 -33.37 11.23 5.52
C PRO C 98 -33.61 10.49 6.82
N ALA C 99 -34.85 10.14 7.13
CA ALA C 99 -35.18 9.45 8.37
C ALA C 99 -34.89 7.96 8.32
N ALA C 100 -34.31 7.48 7.22
CA ALA C 100 -33.94 6.08 7.07
C ALA C 100 -32.44 5.88 6.94
N GLU C 101 -31.63 6.90 7.20
CA GLU C 101 -30.20 6.80 6.98
C GLU C 101 -29.41 6.44 8.23
N GLU C 102 -30.00 6.58 9.42
CA GLU C 102 -29.39 6.10 10.64
C GLU C 102 -30.13 4.92 11.27
N ASP C 103 -31.28 4.53 10.73
CA ASP C 103 -32.10 3.47 11.32
C ASP C 103 -31.68 2.13 10.75
N LEU C 104 -30.93 1.38 11.54
CA LEU C 104 -30.34 0.11 11.14
C LEU C 104 -29.58 -0.47 12.34
N LYS C 105 -28.91 -1.59 12.14
CA LYS C 105 -28.16 -2.23 13.22
C LYS C 105 -27.38 -3.36 12.58
N LYS C 106 -26.31 -3.78 13.26
CA LYS C 106 -25.44 -4.84 12.77
C LYS C 106 -25.60 -6.10 13.61
N VAL C 107 -25.16 -7.22 13.02
CA VAL C 107 -25.30 -8.52 13.66
C VAL C 107 -24.14 -8.77 14.61
N LYS C 108 -24.44 -9.45 15.72
CA LYS C 108 -23.45 -9.96 16.66
C LYS C 108 -23.45 -11.49 16.53
N LEU C 109 -22.41 -12.13 17.04
CA LEU C 109 -22.36 -13.58 16.90
C LEU C 109 -21.79 -14.26 18.13
N PRO C 110 -22.10 -15.55 18.31
CA PRO C 110 -21.54 -16.34 19.42
C PRO C 110 -20.12 -16.81 19.16
N LYS C 111 -19.65 -17.76 19.98
CA LYS C 111 -18.28 -18.24 19.88
C LYS C 111 -18.05 -19.10 18.64
N ASN C 112 -19.11 -19.55 17.98
CA ASN C 112 -18.97 -20.37 16.78
C ASN C 112 -18.60 -19.56 15.56
N TYR C 113 -18.66 -18.23 15.64
CA TYR C 113 -18.28 -17.36 14.53
C TYR C 113 -17.76 -16.03 15.06
N TYR C 119 -11.09 -9.35 12.62
CA TYR C 119 -12.35 -9.19 11.91
C TYR C 119 -13.40 -10.21 12.33
N LYS C 120 -14.65 -9.75 12.37
CA LYS C 120 -15.81 -10.59 12.64
C LYS C 120 -16.97 -10.11 11.77
N PRO C 121 -17.54 -10.97 10.93
CA PRO C 121 -18.61 -10.50 10.04
C PRO C 121 -19.84 -10.10 10.82
N ALA C 122 -20.55 -9.11 10.29
CA ALA C 122 -21.74 -8.58 10.93
C ALA C 122 -22.61 -7.87 9.89
N PRO C 123 -23.43 -8.60 9.15
CA PRO C 123 -24.33 -7.95 8.19
C PRO C 123 -25.37 -7.08 8.88
N LEU C 124 -25.95 -6.18 8.08
CA LEU C 124 -27.04 -5.31 8.49
C LEU C 124 -28.35 -6.08 8.51
N ASP C 125 -29.35 -5.51 9.17
CA ASP C 125 -30.66 -6.14 9.25
C ASP C 125 -31.43 -5.78 8.00
N LEU C 126 -31.43 -6.68 7.02
CA LEU C 126 -32.13 -6.47 5.76
C LEU C 126 -33.28 -7.44 5.60
N SER C 127 -34.20 -7.46 6.56
CA SER C 127 -35.22 -8.49 6.56
C SER C 127 -36.64 -7.96 6.74
N ASP C 128 -36.80 -6.83 7.43
CA ASP C 128 -38.12 -6.24 7.60
C ASP C 128 -38.47 -5.24 6.51
N VAL C 129 -37.88 -5.40 5.32
CA VAL C 129 -38.14 -4.55 4.17
C VAL C 129 -38.59 -5.47 3.05
N LYS C 130 -39.86 -5.37 2.66
CA LYS C 130 -40.40 -6.27 1.64
C LYS C 130 -40.35 -5.62 0.26
N LEU C 131 -40.43 -6.47 -0.76
CA LEU C 131 -40.33 -6.08 -2.15
C LEU C 131 -41.58 -6.48 -2.92
N LEU C 132 -41.90 -5.69 -3.93
CA LEU C 132 -43.03 -5.97 -4.81
C LEU C 132 -42.66 -6.98 -5.89
N PRO C 133 -43.65 -7.61 -6.50
CA PRO C 133 -43.38 -8.60 -7.55
C PRO C 133 -42.46 -8.05 -8.62
N PRO C 134 -42.73 -6.84 -9.13
CA PRO C 134 -41.84 -6.28 -10.15
C PRO C 134 -40.41 -6.07 -9.67
N GLN C 135 -40.20 -5.93 -8.35
CA GLN C 135 -38.84 -5.76 -7.85
C GLN C 135 -38.09 -7.08 -7.79
N GLU C 136 -38.80 -8.19 -7.54
CA GLU C 136 -38.13 -9.49 -7.53
C GLU C 136 -37.93 -10.00 -8.95
N ILE C 137 -38.83 -9.64 -9.87
CA ILE C 137 -38.59 -9.91 -11.27
C ILE C 137 -37.44 -9.04 -11.77
N LEU C 138 -37.21 -7.91 -11.11
CA LEU C 138 -36.07 -7.05 -11.45
C LEU C 138 -34.76 -7.70 -11.02
N VAL C 139 -34.72 -8.23 -9.80
CA VAL C 139 -33.53 -8.93 -9.34
C VAL C 139 -33.34 -10.25 -10.08
N ASP C 140 -34.41 -10.78 -10.67
CA ASP C 140 -34.28 -11.99 -11.50
C ASP C 140 -33.51 -11.69 -12.78
N LYS C 141 -33.68 -10.49 -13.34
CA LYS C 141 -32.94 -10.12 -14.54
C LYS C 141 -31.48 -9.83 -14.21
N LEU C 142 -31.22 -9.28 -13.03
CA LEU C 142 -29.84 -9.01 -12.64
C LEU C 142 -29.09 -10.31 -12.38
N ALA C 143 -29.78 -11.33 -11.87
CA ALA C 143 -29.15 -12.61 -11.60
C ALA C 143 -28.83 -13.35 -12.89
N GLU C 144 -29.74 -13.31 -13.87
CA GLU C 144 -29.50 -14.00 -15.13
C GLU C 144 -28.42 -13.30 -15.95
N ASN C 145 -28.29 -11.97 -15.83
CA ASN C 145 -27.22 -11.27 -16.52
C ASN C 145 -25.88 -11.49 -15.84
N ALA C 146 -25.87 -11.51 -14.51
CA ALA C 146 -24.62 -11.73 -13.79
C ALA C 146 -24.01 -13.08 -14.13
N HIS C 147 -24.83 -14.09 -14.42
CA HIS C 147 -24.29 -15.37 -14.84
C HIS C 147 -23.63 -15.26 -16.22
N ASN C 148 -24.26 -14.54 -17.15
CA ASN C 148 -23.69 -14.38 -18.48
C ASN C 148 -22.45 -13.50 -18.45
N VAL C 149 -22.40 -12.52 -17.54
CA VAL C 149 -21.21 -11.69 -17.41
C VAL C 149 -20.06 -12.50 -16.82
N TRP C 150 -20.37 -13.35 -15.83
CA TRP C 150 -19.36 -14.22 -15.24
C TRP C 150 -18.81 -15.22 -16.24
N ALA C 151 -19.65 -15.70 -17.17
CA ALA C 151 -19.23 -16.74 -18.10
C ALA C 151 -18.19 -16.27 -19.09
N LYS C 152 -18.22 -15.00 -19.49
CA LYS C 152 -17.28 -14.54 -20.50
C LYS C 152 -15.89 -14.31 -19.93
N ASP C 153 -15.79 -13.91 -18.66
CA ASP C 153 -14.48 -13.73 -18.06
C ASP C 153 -13.77 -15.06 -17.88
N ARG C 154 -14.50 -16.12 -17.52
CA ARG C 154 -13.88 -17.42 -17.36
C ARG C 154 -13.46 -18.00 -18.72
N ILE C 155 -14.24 -17.73 -19.77
CA ILE C 155 -13.88 -18.20 -21.10
C ILE C 155 -12.62 -17.49 -21.60
N LYS C 156 -12.48 -16.21 -21.26
CA LYS C 156 -11.27 -15.48 -21.68
C LYS C 156 -10.04 -15.97 -20.92
N GLN C 157 -10.22 -16.44 -19.69
CA GLN C 157 -9.10 -16.97 -18.90
C GLN C 157 -8.80 -18.42 -19.21
N GLY C 158 -9.56 -19.06 -20.09
CA GLY C 158 -9.24 -20.41 -20.54
C GLY C 158 -10.01 -21.53 -19.87
N TRP C 159 -11.15 -21.24 -19.25
CA TRP C 159 -11.92 -22.24 -18.53
C TRP C 159 -12.95 -22.90 -19.44
N THR C 160 -13.00 -24.24 -19.38
CA THR C 160 -13.91 -25.08 -20.15
C THR C 160 -14.94 -25.67 -19.18
N TYR C 161 -15.64 -26.70 -19.61
CA TYR C 161 -16.68 -27.32 -18.80
C TYR C 161 -16.18 -28.64 -18.23
N GLY C 162 -16.38 -28.84 -16.93
CA GLY C 162 -16.09 -30.09 -16.27
C GLY C 162 -17.13 -30.42 -15.22
N ILE C 163 -16.83 -31.38 -14.34
CA ILE C 163 -17.72 -31.71 -13.24
C ILE C 163 -17.20 -31.22 -11.89
N GLN C 164 -15.89 -31.13 -11.70
CA GLN C 164 -15.32 -30.71 -10.42
C GLN C 164 -14.38 -29.52 -10.63
N GLN C 165 -14.56 -28.48 -9.82
CA GLN C 165 -13.68 -27.33 -9.88
C GLN C 165 -12.27 -27.68 -9.39
N ASP C 166 -11.27 -27.13 -10.07
CA ASP C 166 -9.86 -27.35 -9.76
C ASP C 166 -9.08 -26.09 -10.15
N LEU C 167 -8.30 -25.55 -9.22
CA LEU C 167 -7.53 -24.36 -9.55
C LEU C 167 -6.25 -24.68 -10.32
N LYS C 168 -5.80 -25.93 -10.29
CA LYS C 168 -4.67 -26.34 -11.12
C LYS C 168 -5.09 -26.94 -12.45
N ASN C 169 -6.32 -27.44 -12.54
CA ASN C 169 -6.89 -27.90 -13.80
C ASN C 169 -8.19 -27.13 -13.98
N LYS C 170 -8.08 -25.95 -14.61
CA LYS C 170 -9.21 -25.06 -14.82
C LYS C 170 -10.37 -25.76 -15.51
N ARG C 171 -11.48 -25.93 -14.80
CA ARG C 171 -12.64 -26.62 -15.31
C ARG C 171 -13.77 -26.45 -14.31
N ASN C 172 -14.98 -26.18 -14.81
CA ASN C 172 -16.08 -25.91 -13.91
C ASN C 172 -17.41 -26.36 -14.51
N PRO C 173 -18.25 -27.07 -13.75
CA PRO C 173 -19.52 -27.55 -14.29
C PRO C 173 -20.55 -26.46 -14.53
N ARG C 174 -20.33 -25.25 -14.01
CA ARG C 174 -21.33 -24.19 -14.12
C ARG C 174 -21.25 -23.44 -15.44
N LEU C 175 -20.40 -23.89 -16.36
CA LEU C 175 -20.28 -23.28 -17.69
C LEU C 175 -21.37 -23.85 -18.58
N VAL C 176 -22.59 -23.37 -18.37
CA VAL C 176 -23.76 -23.88 -19.09
C VAL C 176 -24.74 -22.72 -19.27
N PRO C 177 -25.68 -22.80 -20.22
CA PRO C 177 -26.71 -21.76 -20.30
C PRO C 177 -27.49 -21.67 -19.00
N TYR C 178 -28.13 -20.51 -18.80
CA TYR C 178 -28.83 -20.26 -17.55
C TYR C 178 -30.02 -21.19 -17.36
N ALA C 179 -30.64 -21.65 -18.46
CA ALA C 179 -31.79 -22.53 -18.32
C ALA C 179 -31.37 -23.92 -17.87
N LEU C 180 -30.16 -24.33 -18.21
CA LEU C 180 -29.61 -25.64 -17.84
C LEU C 180 -28.67 -25.56 -16.65
N LEU C 181 -28.92 -24.63 -15.73
CA LEU C 181 -28.06 -24.39 -14.58
C LEU C 181 -28.71 -24.90 -13.30
N ASP C 182 -27.89 -25.41 -12.40
CA ASP C 182 -28.41 -25.98 -11.16
C ASP C 182 -29.18 -24.93 -10.36
N GLU C 183 -30.33 -25.33 -9.84
CA GLU C 183 -31.15 -24.40 -9.06
C GLU C 183 -30.46 -24.01 -7.76
N ARG C 184 -29.64 -24.91 -7.22
CA ARG C 184 -28.88 -24.57 -6.01
C ARG C 184 -27.96 -23.39 -6.27
N THR C 185 -27.38 -23.32 -7.46
CA THR C 185 -26.59 -22.16 -7.84
C THR C 185 -27.48 -20.97 -8.16
N LYS C 186 -28.58 -21.19 -8.90
CA LYS C 186 -29.49 -20.10 -9.22
C LYS C 186 -29.97 -19.41 -7.96
N LYS C 187 -30.27 -20.18 -6.91
CA LYS C 187 -30.74 -19.58 -5.66
C LYS C 187 -29.65 -18.73 -5.04
N SER C 188 -28.44 -19.26 -4.92
CA SER C 188 -27.35 -18.50 -4.32
C SER C 188 -27.03 -17.23 -5.11
N ASN C 189 -27.23 -17.26 -6.42
CA ASN C 189 -27.05 -16.07 -7.24
C ASN C 189 -28.24 -15.11 -7.14
N ARG C 190 -29.46 -15.63 -7.06
CA ARG C 190 -30.63 -14.75 -7.08
C ARG C 190 -30.91 -14.11 -5.72
N ASP C 191 -30.65 -14.82 -4.62
CA ASP C 191 -30.94 -14.27 -3.32
C ASP C 191 -29.91 -13.23 -2.88
N SER C 192 -28.68 -13.32 -3.40
CA SER C 192 -27.66 -12.34 -3.04
C SER C 192 -27.92 -11.01 -3.74
N LEU C 193 -28.43 -11.05 -4.96
CA LEU C 193 -28.76 -9.82 -5.68
C LEU C 193 -30.05 -9.20 -5.18
N ARG C 194 -30.99 -10.02 -4.70
CA ARG C 194 -32.19 -9.48 -4.06
C ARG C 194 -31.81 -8.70 -2.81
N GLU C 195 -30.88 -9.24 -2.02
CA GLU C 195 -30.37 -8.51 -0.86
C GLU C 195 -29.58 -7.29 -1.29
N ALA C 196 -29.00 -7.33 -2.49
CA ALA C 196 -28.30 -6.17 -3.03
C ALA C 196 -29.28 -5.05 -3.37
N VAL C 197 -30.41 -5.40 -3.98
CA VAL C 197 -31.43 -4.41 -4.31
C VAL C 197 -31.99 -3.79 -3.04
N ARG C 198 -32.09 -4.57 -1.96
CA ARG C 198 -32.55 -4.03 -0.69
C ARG C 198 -31.60 -2.96 -0.15
N THR C 199 -30.36 -2.92 -0.63
CA THR C 199 -29.42 -1.91 -0.15
C THR C 199 -29.83 -0.51 -0.58
N PHE C 200 -30.45 -0.37 -1.76
CA PHE C 200 -30.95 0.94 -2.17
C PHE C 200 -32.17 1.33 -1.35
N VAL C 201 -33.12 0.40 -1.19
CA VAL C 201 -34.32 0.68 -0.41
C VAL C 201 -34.01 0.86 1.06
N GLY C 202 -32.97 0.19 1.57
CA GLY C 202 -32.62 0.30 2.98
C GLY C 202 -32.02 1.63 3.38
N TYR C 203 -31.44 2.36 2.43
CA TYR C 203 -30.83 3.66 2.71
C TYR C 203 -31.71 4.84 2.35
N GLY C 204 -32.87 4.61 1.74
CA GLY C 204 -33.79 5.69 1.43
C GLY C 204 -33.97 5.99 -0.05
N TYR C 205 -33.72 5.03 -0.93
CA TYR C 205 -33.78 5.23 -2.37
C TYR C 205 -35.13 4.77 -2.91
N ASN C 206 -35.65 5.50 -3.89
CA ASN C 206 -36.90 5.16 -4.54
C ASN C 206 -36.59 4.43 -5.85
N ILE C 207 -37.34 3.36 -6.10
CA ILE C 207 -37.13 2.51 -7.26
C ILE C 207 -38.24 2.79 -8.27
N GLU C 208 -37.93 3.53 -9.32
CA GLU C 208 -38.89 3.79 -10.38
C GLU C 208 -38.21 3.64 -11.74
N PRO C 209 -38.98 3.58 -12.82
CA PRO C 209 -38.38 3.58 -14.16
C PRO C 209 -37.69 4.90 -14.44
N SER C 210 -36.85 4.89 -15.46
CA SER C 210 -36.09 6.08 -15.84
C SER C 210 -36.88 6.94 -16.82
N PHE D 5 10.44 7.07 -48.97
CA PHE D 5 10.75 5.66 -48.73
C PHE D 5 9.50 4.82 -48.88
N ILE D 6 9.69 3.57 -49.30
CA ILE D 6 8.55 2.68 -49.59
C ILE D 6 8.70 1.39 -48.80
N PRO D 7 7.94 1.21 -47.72
CA PRO D 7 7.95 -0.09 -47.03
C PRO D 7 6.89 -1.01 -47.60
N CYS D 8 7.28 -2.21 -48.00
CA CYS D 8 6.36 -3.19 -48.58
C CYS D 8 6.69 -4.54 -47.96
N PRO D 9 5.99 -4.94 -46.91
CA PRO D 9 6.31 -6.17 -46.19
C PRO D 9 5.84 -7.41 -46.92
N VAL D 10 6.01 -8.56 -46.27
CA VAL D 10 5.59 -9.83 -46.84
C VAL D 10 4.06 -9.88 -46.88
N ASP D 11 3.54 -10.69 -47.80
CA ASP D 11 2.12 -10.68 -48.08
C ASP D 11 1.34 -11.48 -47.04
N THR D 12 0.41 -10.78 -46.37
CA THR D 12 -0.53 -11.39 -45.44
C THR D 12 -1.96 -11.24 -45.96
N SER D 13 -2.12 -11.00 -47.26
CA SER D 13 -3.43 -10.63 -47.80
C SER D 13 -4.37 -11.82 -47.87
N GLN D 14 -3.83 -13.03 -48.06
CA GLN D 14 -4.63 -14.23 -48.26
C GLN D 14 -4.70 -15.11 -47.02
N VAL D 15 -3.83 -14.86 -46.03
CA VAL D 15 -3.66 -15.76 -44.90
C VAL D 15 -4.76 -15.56 -43.86
N ILE D 16 -5.07 -16.63 -43.14
CA ILE D 16 -5.96 -16.59 -41.99
C ILE D 16 -5.32 -17.38 -40.87
N LEU D 17 -5.77 -17.12 -39.65
CA LEU D 17 -5.21 -17.76 -38.47
C LEU D 17 -6.19 -18.77 -37.90
N PRO D 18 -5.84 -20.06 -37.83
CA PRO D 18 -6.76 -21.03 -37.27
C PRO D 18 -7.11 -20.68 -35.85
N PRO D 19 -8.28 -21.12 -35.36
CA PRO D 19 -8.73 -20.69 -34.04
C PRO D 19 -7.83 -21.16 -32.91
N HIS D 20 -7.18 -22.32 -33.05
CA HIS D 20 -6.31 -22.86 -32.02
C HIS D 20 -4.97 -22.15 -31.90
N LEU D 21 -4.64 -21.24 -32.81
CA LEU D 21 -3.40 -20.47 -32.71
C LEU D 21 -3.56 -19.19 -31.92
N GLU D 22 -4.80 -18.76 -31.64
CA GLU D 22 -5.00 -17.57 -30.84
C GLU D 22 -4.50 -17.76 -29.41
N LYS D 23 -4.49 -19.01 -28.93
CA LYS D 23 -4.01 -19.28 -27.58
C LYS D 23 -2.54 -18.90 -27.43
N ILE D 24 -1.72 -19.23 -28.44
CA ILE D 24 -0.31 -18.85 -28.36
C ILE D 24 -0.12 -17.39 -28.72
N ARG D 25 -1.02 -16.82 -29.54
CA ARG D 25 -0.90 -15.41 -29.89
C ARG D 25 -1.09 -14.53 -28.65
N ASP D 26 -2.01 -14.92 -27.77
CA ASP D 26 -2.23 -14.17 -26.54
C ASP D 26 -1.02 -14.29 -25.62
N ARG D 27 -0.25 -15.38 -25.75
CA ARG D 27 0.90 -15.59 -24.89
C ARG D 27 2.07 -14.70 -25.30
N LEU D 28 2.19 -14.38 -26.59
CA LEU D 28 3.24 -13.47 -27.04
C LEU D 28 2.97 -12.03 -26.61
N ALA D 29 1.72 -11.58 -26.71
CA ALA D 29 1.42 -10.19 -26.39
C ALA D 29 1.64 -9.87 -24.93
N GLU D 30 1.55 -10.87 -24.05
CA GLU D 30 1.79 -10.64 -22.62
C GLU D 30 3.28 -10.43 -22.35
N ASN D 31 4.12 -11.34 -22.84
CA ASN D 31 5.55 -11.28 -22.60
C ASN D 31 6.23 -10.11 -23.30
N ILE D 32 5.67 -9.62 -24.40
CA ILE D 32 6.27 -8.46 -25.06
C ILE D 32 6.12 -7.20 -24.22
N HIS D 33 5.10 -7.15 -23.36
CA HIS D 33 4.94 -6.00 -22.47
C HIS D 33 5.86 -6.11 -21.26
N GLU D 34 6.08 -7.34 -20.77
CA GLU D 34 6.97 -7.51 -19.62
C GLU D 34 8.40 -7.17 -19.99
N LEU D 35 8.81 -7.46 -21.24
CA LEU D 35 10.13 -7.07 -21.70
C LEU D 35 10.22 -5.57 -21.94
N TRP D 36 9.14 -4.93 -22.36
CA TRP D 36 9.16 -3.50 -22.61
C TRP D 36 9.20 -2.72 -21.30
N GLY D 37 8.44 -3.16 -20.30
CA GLY D 37 8.48 -2.50 -19.02
C GLY D 37 9.83 -2.68 -18.32
N MET D 38 10.38 -3.89 -18.40
CA MET D 38 11.69 -4.14 -17.79
C MET D 38 12.80 -3.42 -18.54
N ASN D 39 12.79 -3.50 -19.87
CA ASN D 39 13.85 -2.86 -20.64
C ASN D 39 13.72 -1.35 -20.68
N LYS D 40 12.55 -0.81 -20.32
CA LYS D 40 12.37 0.63 -20.19
C LYS D 40 12.55 1.12 -18.76
N ILE D 41 12.18 0.30 -17.77
CA ILE D 41 12.40 0.64 -16.37
C ILE D 41 13.88 0.71 -16.06
N GLU D 42 14.70 -0.07 -16.77
CA GLU D 42 16.15 -0.04 -16.60
C GLU D 42 16.75 1.31 -16.94
N LEU D 43 15.98 2.21 -17.54
CA LEU D 43 16.46 3.53 -17.95
C LEU D 43 16.07 4.62 -16.96
N GLY D 44 15.45 4.26 -15.83
CA GLY D 44 15.13 5.23 -14.80
C GLY D 44 13.75 5.85 -14.95
N TRP D 45 12.75 5.01 -15.21
CA TRP D 45 11.37 5.45 -15.40
C TRP D 45 10.53 5.09 -14.19
N THR D 46 9.80 6.09 -13.67
CA THR D 46 8.88 5.90 -12.56
C THR D 46 7.44 5.84 -13.08
N PHE D 47 6.51 5.76 -12.14
CA PHE D 47 5.08 5.62 -12.46
C PHE D 47 4.32 6.93 -12.28
N GLY D 48 3.18 7.01 -12.95
CA GLY D 48 2.26 8.12 -12.77
C GLY D 48 1.03 7.90 -13.61
N LYS D 49 0.08 8.83 -13.48
CA LYS D 49 -1.13 8.84 -14.29
C LYS D 49 -1.15 10.01 -15.26
N ILE D 50 -0.14 10.88 -15.21
CA ILE D 50 0.06 11.95 -16.16
C ILE D 50 1.47 11.79 -16.72
N ARG D 51 1.68 12.31 -17.92
CA ARG D 51 2.88 12.04 -18.70
C ARG D 51 3.84 13.22 -18.60
N ASP D 52 4.95 13.02 -17.88
CA ASP D 52 6.01 14.01 -17.78
C ASP D 52 7.30 13.35 -18.25
N ASP D 53 7.85 13.83 -19.36
CA ASP D 53 9.02 13.19 -19.96
C ASP D 53 10.29 13.45 -19.15
N ASN D 54 10.42 14.64 -18.58
CA ASN D 54 11.63 14.96 -17.82
C ASN D 54 11.65 14.26 -16.48
N LYS D 55 10.48 13.94 -15.93
CA LYS D 55 10.39 13.23 -14.67
C LYS D 55 10.47 11.72 -14.82
N ARG D 56 10.38 11.19 -16.05
CA ARG D 56 10.45 9.76 -16.28
C ARG D 56 9.32 9.05 -15.54
N GLN D 57 8.09 9.41 -15.91
CA GLN D 57 6.88 8.85 -15.33
C GLN D 57 5.92 8.53 -16.46
N HIS D 58 5.33 7.33 -16.41
CA HIS D 58 4.49 6.86 -17.49
C HIS D 58 3.30 6.06 -16.96
N PRO D 59 2.11 6.25 -17.52
CA PRO D 59 0.93 5.57 -16.98
C PRO D 59 0.89 4.10 -17.34
N CYS D 60 1.60 3.68 -18.38
CA CYS D 60 1.57 2.31 -18.86
C CYS D 60 2.71 1.50 -18.26
N LEU D 61 2.79 1.52 -16.93
CA LEU D 61 3.75 0.72 -16.19
C LEU D 61 3.02 -0.26 -15.28
N VAL D 62 1.78 -0.59 -15.65
CA VAL D 62 0.91 -1.48 -14.89
C VAL D 62 0.71 -2.73 -15.72
N GLU D 63 -0.17 -3.62 -15.27
CA GLU D 63 -0.32 -4.90 -15.96
C GLU D 63 -0.88 -4.72 -17.36
N PHE D 64 -0.56 -5.68 -18.22
CA PHE D 64 -1.11 -5.72 -19.58
C PHE D 64 -2.64 -5.78 -19.57
N SER D 65 -3.22 -6.41 -18.55
CA SER D 65 -4.66 -6.62 -18.53
C SER D 65 -5.42 -5.33 -18.21
N LYS D 66 -4.81 -4.43 -17.45
CA LYS D 66 -5.46 -3.20 -17.01
C LYS D 66 -5.12 -2.01 -17.89
N LEU D 67 -4.48 -2.23 -19.03
CA LEU D 67 -4.17 -1.15 -19.95
C LEU D 67 -5.38 -0.79 -20.82
N PRO D 68 -5.44 0.45 -21.31
CA PRO D 68 -6.56 0.84 -22.17
C PRO D 68 -6.67 -0.05 -23.40
N GLU D 69 -7.90 -0.18 -23.90
CA GLU D 69 -8.16 -0.99 -25.08
C GLU D 69 -7.41 -0.49 -26.30
N THR D 70 -7.02 0.79 -26.32
CA THR D 70 -6.23 1.30 -27.43
C THR D 70 -4.85 0.66 -27.46
N GLU D 71 -4.31 0.30 -26.30
CA GLU D 71 -2.97 -0.25 -26.24
C GLU D 71 -2.96 -1.74 -26.55
N LYS D 72 -3.91 -2.50 -25.99
CA LYS D 72 -3.94 -3.93 -26.24
C LYS D 72 -4.33 -4.25 -27.68
N ASN D 73 -5.02 -3.35 -28.36
CA ASN D 73 -5.38 -3.60 -29.75
C ASN D 73 -4.16 -3.48 -30.66
N TYR D 74 -3.29 -2.51 -30.40
CA TYR D 74 -2.09 -2.37 -31.23
C TYR D 74 -1.14 -3.54 -31.02
N ASN D 75 -0.95 -3.96 -29.77
CA ASN D 75 -0.07 -5.10 -29.49
C ASN D 75 -0.70 -6.40 -29.98
N LEU D 76 -2.02 -6.55 -29.81
CA LEU D 76 -2.68 -7.74 -30.33
C LEU D 76 -2.67 -7.76 -31.85
N GLN D 77 -2.60 -6.57 -32.47
CA GLN D 77 -2.61 -6.49 -33.92
C GLN D 77 -1.31 -7.00 -34.53
N MET D 78 -0.17 -6.68 -33.91
CA MET D 78 1.11 -7.12 -34.44
C MET D 78 1.47 -8.54 -34.01
N SER D 79 0.88 -9.05 -32.93
CA SER D 79 1.05 -10.45 -32.59
C SER D 79 0.34 -11.36 -33.59
N THR D 80 -0.74 -10.87 -34.21
CA THR D 80 -1.43 -11.66 -35.22
C THR D 80 -0.64 -11.69 -36.51
N GLU D 81 -0.20 -10.52 -36.98
CA GLU D 81 0.55 -10.44 -38.23
C GLU D 81 1.83 -11.27 -38.20
N THR D 82 2.45 -11.43 -37.03
CA THR D 82 3.68 -12.22 -36.96
C THR D 82 3.42 -13.69 -37.26
N LEU D 83 2.36 -14.26 -36.70
CA LEU D 83 2.02 -15.65 -37.01
C LEU D 83 1.49 -15.80 -38.43
N LYS D 84 0.79 -14.79 -38.94
CA LYS D 84 0.24 -14.88 -40.29
C LYS D 84 1.33 -14.76 -41.35
N THR D 85 2.43 -14.07 -41.04
CA THR D 85 3.53 -14.01 -41.98
C THR D 85 4.28 -15.32 -42.06
N LEU D 86 4.33 -16.09 -40.96
CA LEU D 86 5.04 -17.35 -40.95
C LEU D 86 4.40 -18.38 -41.87
N LEU D 87 3.07 -18.37 -41.97
CA LEU D 87 2.39 -19.34 -42.84
C LEU D 87 2.55 -19.01 -44.30
N ALA D 88 2.73 -17.73 -44.65
CA ALA D 88 2.82 -17.33 -46.05
C ALA D 88 4.15 -17.69 -46.71
N LEU D 89 5.14 -18.14 -45.94
CA LEU D 89 6.43 -18.52 -46.50
C LEU D 89 6.60 -20.03 -46.60
N GLY D 90 5.55 -20.81 -46.39
CA GLY D 90 5.66 -22.24 -46.51
C GLY D 90 6.01 -22.94 -45.21
N CYS D 91 5.75 -22.30 -44.07
CA CYS D 91 6.09 -22.81 -42.76
C CYS D 91 4.83 -23.26 -42.04
N HIS D 92 5.04 -24.08 -41.00
CA HIS D 92 3.94 -24.64 -40.23
C HIS D 92 4.29 -24.58 -38.75
N ILE D 93 3.26 -24.52 -37.91
CA ILE D 93 3.45 -24.43 -36.47
C ILE D 93 2.84 -25.66 -35.81
N ALA D 94 3.60 -26.75 -35.78
CA ALA D 94 3.09 -28.00 -35.23
C ALA D 94 3.40 -28.05 -33.74
N HIS D 95 2.39 -28.42 -32.95
CA HIS D 95 2.56 -28.61 -31.52
C HIS D 95 3.04 -30.03 -31.27
N VAL D 96 4.13 -30.18 -30.51
CA VAL D 96 4.70 -31.51 -30.35
C VAL D 96 4.68 -31.92 -28.89
N ASN D 97 5.39 -31.19 -28.04
CA ASN D 97 5.50 -31.56 -26.63
C ASN D 97 4.55 -30.69 -25.82
N PRO D 98 3.58 -31.28 -25.10
CA PRO D 98 2.67 -30.44 -24.31
C PRO D 98 3.19 -30.05 -22.93
N ALA D 99 4.25 -30.70 -22.45
CA ALA D 99 4.80 -30.42 -21.12
C ALA D 99 5.81 -29.27 -21.20
N ALA D 100 5.30 -28.09 -21.55
CA ALA D 100 6.16 -26.91 -21.69
C ALA D 100 5.83 -25.82 -20.67
N GLU D 101 4.60 -25.30 -20.67
CA GLU D 101 4.25 -24.16 -19.82
C GLU D 101 4.19 -24.50 -18.34
N GLU D 102 4.27 -25.76 -17.95
CA GLU D 102 4.37 -26.10 -16.54
C GLU D 102 5.79 -26.41 -16.13
N ASP D 103 6.70 -26.56 -17.10
CA ASP D 103 8.12 -26.74 -16.85
C ASP D 103 8.89 -25.42 -17.01
N LEU D 104 8.20 -24.28 -16.91
CA LEU D 104 8.78 -22.99 -17.22
C LEU D 104 8.59 -22.03 -16.05
N LYS D 105 9.35 -20.94 -16.08
CA LYS D 105 9.33 -19.97 -14.99
C LYS D 105 9.69 -18.59 -15.52
N LYS D 106 9.48 -17.59 -14.67
CA LYS D 106 9.73 -16.19 -14.97
C LYS D 106 10.96 -15.69 -14.21
N VAL D 107 11.47 -14.55 -14.64
CA VAL D 107 12.67 -13.96 -14.05
C VAL D 107 12.31 -13.28 -12.75
N LYS D 108 13.24 -13.33 -11.78
CA LYS D 108 13.08 -12.67 -10.50
C LYS D 108 13.98 -11.44 -10.44
N LEU D 109 13.37 -10.27 -10.32
CA LEU D 109 14.05 -8.99 -10.26
C LEU D 109 14.13 -8.49 -8.83
N PRO D 110 14.97 -7.48 -8.57
CA PRO D 110 15.09 -6.97 -7.18
C PRO D 110 13.88 -6.16 -6.76
N LYS D 111 13.93 -5.61 -5.54
CA LYS D 111 12.79 -4.91 -4.98
C LYS D 111 12.63 -3.48 -5.48
N ASN D 112 13.70 -2.89 -6.05
CA ASN D 112 13.64 -1.51 -6.51
C ASN D 112 12.99 -1.36 -7.87
N TYR D 113 12.67 -2.46 -8.56
CA TYR D 113 12.05 -2.38 -9.88
C TYR D 113 10.53 -2.20 -9.79
N MET D 114 9.99 -1.92 -8.61
CA MET D 114 8.56 -1.71 -8.43
C MET D 114 8.34 -0.37 -7.75
N MET D 115 7.30 0.35 -8.17
CA MET D 115 6.99 1.66 -7.62
C MET D 115 5.50 1.74 -7.30
N SER D 116 4.98 2.96 -7.24
CA SER D 116 3.65 3.22 -6.69
C SER D 116 2.52 2.59 -7.50
N ASN D 117 2.77 2.16 -8.74
CA ASN D 117 1.73 1.50 -9.50
C ASN D 117 1.42 0.11 -8.98
N GLY D 118 2.14 -0.37 -7.98
CA GLY D 118 1.93 -1.72 -7.49
C GLY D 118 2.26 -2.82 -8.47
N TYR D 119 3.06 -2.51 -9.49
CA TYR D 119 3.36 -3.46 -10.55
C TYR D 119 4.86 -3.74 -10.58
N LYS D 120 5.21 -4.97 -10.93
CA LYS D 120 6.60 -5.35 -11.06
C LYS D 120 6.75 -6.25 -12.28
N PRO D 121 7.58 -5.86 -13.25
CA PRO D 121 7.71 -6.67 -14.47
C PRO D 121 8.34 -8.02 -14.21
N ALA D 122 7.97 -8.99 -15.04
CA ALA D 122 8.47 -10.36 -14.88
C ALA D 122 8.40 -11.09 -16.21
N PRO D 123 9.39 -10.90 -17.09
CA PRO D 123 9.42 -11.69 -18.33
C PRO D 123 9.63 -13.15 -18.03
N LEU D 124 9.34 -13.98 -19.03
CA LEU D 124 9.55 -15.41 -18.87
C LEU D 124 11.03 -15.75 -19.00
N ASP D 125 11.43 -16.83 -18.35
CA ASP D 125 12.82 -17.31 -18.41
C ASP D 125 12.91 -18.33 -19.53
N LEU D 126 13.38 -17.89 -20.70
CA LEU D 126 13.52 -18.75 -21.86
C LEU D 126 14.98 -18.94 -22.21
N SER D 127 15.75 -19.53 -21.29
CA SER D 127 17.20 -19.57 -21.42
C SER D 127 17.72 -20.93 -21.84
N ASP D 128 16.97 -22.00 -21.56
CA ASP D 128 17.31 -23.34 -22.04
C ASP D 128 16.70 -23.63 -23.42
N VAL D 129 16.51 -22.61 -24.25
CA VAL D 129 15.91 -22.77 -25.56
C VAL D 129 16.89 -22.28 -26.61
N LYS D 130 17.49 -23.20 -27.35
CA LYS D 130 18.41 -22.89 -28.42
C LYS D 130 17.70 -23.01 -29.76
N LEU D 131 18.29 -22.41 -30.78
CA LEU D 131 17.71 -22.41 -32.12
C LEU D 131 18.68 -23.04 -33.11
N LEU D 132 18.13 -23.64 -34.15
CA LEU D 132 18.97 -24.22 -35.18
C LEU D 132 19.48 -23.12 -36.11
N PRO D 133 20.58 -23.37 -36.82
CA PRO D 133 21.14 -22.33 -37.68
C PRO D 133 20.11 -21.79 -38.65
N PRO D 134 19.38 -22.65 -39.36
CA PRO D 134 18.36 -22.16 -40.30
C PRO D 134 17.20 -21.43 -39.62
N GLN D 135 16.93 -21.70 -38.35
CA GLN D 135 15.78 -21.08 -37.68
C GLN D 135 16.04 -19.64 -37.28
N GLU D 136 17.28 -19.28 -36.95
CA GLU D 136 17.54 -17.88 -36.60
C GLU D 136 17.65 -17.00 -37.84
N ILE D 137 18.09 -17.56 -38.97
CA ILE D 137 18.06 -16.80 -40.21
C ILE D 137 16.62 -16.57 -40.67
N LEU D 138 15.67 -17.42 -40.26
CA LEU D 138 14.28 -17.17 -40.60
C LEU D 138 13.74 -15.98 -39.83
N VAL D 139 14.03 -15.90 -38.53
CA VAL D 139 13.65 -14.74 -37.75
C VAL D 139 14.44 -13.52 -38.17
N ASP D 140 15.56 -13.72 -38.87
CA ASP D 140 16.34 -12.59 -39.36
C ASP D 140 15.57 -11.83 -40.44
N LYS D 141 14.79 -12.54 -41.25
CA LYS D 141 13.96 -11.89 -42.25
C LYS D 141 12.71 -11.28 -41.62
N LEU D 142 12.16 -11.96 -40.61
CA LEU D 142 10.94 -11.46 -39.96
C LEU D 142 11.23 -10.22 -39.12
N ALA D 143 12.42 -10.13 -38.52
CA ALA D 143 12.73 -8.96 -37.71
C ALA D 143 12.83 -7.72 -38.60
N GLU D 144 13.46 -7.86 -39.77
CA GLU D 144 13.53 -6.76 -40.72
C GLU D 144 12.16 -6.50 -41.34
N ASN D 145 11.31 -7.54 -41.40
CA ASN D 145 9.95 -7.36 -41.90
C ASN D 145 9.09 -6.62 -40.87
N ALA D 146 9.29 -6.90 -39.58
CA ALA D 146 8.54 -6.20 -38.54
C ALA D 146 8.79 -4.70 -38.58
N HIS D 147 9.99 -4.29 -39.00
CA HIS D 147 10.27 -2.86 -39.13
C HIS D 147 9.41 -2.24 -40.22
N ASN D 148 9.23 -2.93 -41.34
CA ASN D 148 8.40 -2.40 -42.41
C ASN D 148 6.93 -2.35 -42.02
N VAL D 149 6.49 -3.26 -41.15
CA VAL D 149 5.10 -3.24 -40.70
C VAL D 149 4.84 -2.04 -39.79
N TRP D 150 5.77 -1.75 -38.88
CA TRP D 150 5.62 -0.57 -38.03
C TRP D 150 5.69 0.71 -38.84
N ALA D 151 6.55 0.75 -39.86
CA ALA D 151 6.72 1.98 -40.64
C ALA D 151 5.50 2.29 -41.48
N LYS D 152 4.80 1.28 -41.98
CA LYS D 152 3.68 1.51 -42.89
C LYS D 152 2.42 1.94 -42.16
N ASP D 153 2.18 1.40 -40.95
CA ASP D 153 0.99 1.80 -40.20
C ASP D 153 1.12 3.20 -39.64
N ARG D 154 2.33 3.58 -39.19
CA ARG D 154 2.50 4.92 -38.65
C ARG D 154 2.40 5.97 -39.76
N ILE D 155 2.80 5.61 -40.98
CA ILE D 155 2.66 6.52 -42.11
C ILE D 155 1.19 6.78 -42.39
N LYS D 156 0.33 5.78 -42.17
CA LYS D 156 -1.10 5.98 -42.36
C LYS D 156 -1.66 6.97 -41.35
N GLN D 157 -1.09 7.02 -40.15
CA GLN D 157 -1.50 7.97 -39.13
C GLN D 157 -0.81 9.32 -39.29
N GLY D 158 0.10 9.45 -40.25
CA GLY D 158 0.67 10.73 -40.60
C GLY D 158 2.06 11.04 -40.07
N TRP D 159 2.82 10.04 -39.66
CA TRP D 159 4.15 10.28 -39.09
C TRP D 159 5.20 10.25 -40.20
N THR D 160 6.04 11.29 -40.24
CA THR D 160 7.10 11.47 -41.21
C THR D 160 8.46 11.39 -40.50
N TYR D 161 9.51 11.86 -41.18
CA TYR D 161 10.86 11.84 -40.67
C TYR D 161 11.27 13.25 -40.23
N GLY D 162 11.91 13.33 -39.07
CA GLY D 162 12.47 14.57 -38.58
C GLY D 162 13.83 14.34 -37.95
N ILE D 163 14.31 15.29 -37.15
CA ILE D 163 15.58 15.10 -36.46
C ILE D 163 15.31 14.73 -35.01
N GLN D 164 14.19 15.20 -34.46
CA GLN D 164 13.79 14.88 -33.10
C GLN D 164 12.37 14.35 -33.10
N GLN D 165 12.14 13.24 -32.40
CA GLN D 165 10.78 12.72 -32.28
C GLN D 165 9.95 13.73 -31.50
N ASP D 166 8.69 13.89 -31.91
CA ASP D 166 7.83 14.91 -31.31
C ASP D 166 6.39 14.46 -31.30
N LEU D 167 5.73 14.60 -30.14
CA LEU D 167 4.33 14.25 -30.03
C LEU D 167 3.43 15.32 -30.63
N LYS D 168 3.96 16.53 -30.85
CA LYS D 168 3.24 17.59 -31.55
C LYS D 168 3.53 17.61 -33.03
N ASN D 169 4.66 17.03 -33.46
CA ASN D 169 5.03 16.91 -34.87
C ASN D 169 5.24 15.43 -35.16
N LYS D 170 4.26 14.79 -35.80
CA LYS D 170 4.42 13.37 -36.10
C LYS D 170 5.80 13.24 -36.75
N ARG D 171 6.72 12.57 -36.06
CA ARG D 171 8.09 12.49 -36.55
C ARG D 171 8.91 11.61 -35.64
N ASN D 172 9.76 10.76 -36.23
CA ASN D 172 10.62 9.86 -35.50
C ASN D 172 11.84 9.68 -36.39
N PRO D 173 13.05 9.77 -35.85
CA PRO D 173 14.24 9.67 -36.70
C PRO D 173 14.42 8.29 -37.30
N ARG D 174 13.68 7.29 -36.82
CA ARG D 174 13.80 5.92 -37.29
C ARG D 174 12.97 5.63 -38.53
N LEU D 175 12.36 6.65 -39.13
CA LEU D 175 11.53 6.46 -40.32
C LEU D 175 12.44 6.35 -41.54
N VAL D 176 13.08 5.20 -41.65
CA VAL D 176 14.04 4.94 -42.71
C VAL D 176 14.04 3.45 -43.04
N PRO D 177 14.54 3.04 -44.22
CA PRO D 177 14.70 1.62 -44.50
C PRO D 177 15.62 0.96 -43.49
N TYR D 178 15.53 -0.38 -43.42
CA TYR D 178 16.33 -1.11 -42.44
C TYR D 178 17.82 -0.95 -42.71
N ALA D 179 18.20 -0.72 -43.96
CA ALA D 179 19.61 -0.51 -44.27
C ALA D 179 20.09 0.84 -43.77
N LEU D 180 19.19 1.81 -43.68
CA LEU D 180 19.49 3.13 -43.15
C LEU D 180 19.09 3.27 -41.68
N LEU D 181 19.14 2.15 -40.95
CA LEU D 181 18.79 2.12 -39.54
C LEU D 181 20.03 1.85 -38.69
N ASP D 182 20.09 2.51 -37.53
CA ASP D 182 21.22 2.31 -36.64
C ASP D 182 21.27 0.86 -36.15
N GLU D 183 22.48 0.33 -36.06
CA GLU D 183 22.63 -1.08 -35.67
C GLU D 183 22.07 -1.35 -34.29
N ARG D 184 22.06 -0.34 -33.42
CA ARG D 184 21.48 -0.51 -32.09
C ARG D 184 20.00 -0.88 -32.19
N THR D 185 19.29 -0.30 -33.15
CA THR D 185 17.89 -0.65 -33.36
C THR D 185 17.71 -1.98 -34.09
N LYS D 186 18.47 -2.19 -35.18
CA LYS D 186 18.27 -3.42 -35.96
C LYS D 186 18.44 -4.67 -35.10
N LYS D 187 19.48 -4.70 -34.26
CA LYS D 187 19.66 -5.86 -33.40
C LYS D 187 18.58 -5.92 -32.33
N SER D 188 18.29 -4.79 -31.69
CA SER D 188 17.19 -4.75 -30.72
C SER D 188 15.88 -5.21 -31.36
N ASN D 189 15.76 -5.07 -32.68
CA ASN D 189 14.65 -5.69 -33.38
C ASN D 189 14.77 -7.20 -33.34
N ARG D 190 16.00 -7.70 -33.29
CA ARG D 190 16.26 -9.13 -33.27
C ARG D 190 16.11 -9.73 -31.87
N ASP D 191 16.36 -8.94 -30.83
CA ASP D 191 16.24 -9.47 -29.47
C ASP D 191 14.78 -9.63 -29.06
N SER D 192 13.88 -8.81 -29.60
CA SER D 192 12.47 -8.94 -29.25
C SER D 192 11.81 -10.08 -30.01
N LEU D 193 12.17 -10.28 -31.28
CA LEU D 193 11.61 -11.39 -32.06
C LEU D 193 12.32 -12.70 -31.79
N ARG D 194 13.61 -12.66 -31.43
CA ARG D 194 14.30 -13.89 -31.05
C ARG D 194 13.67 -14.49 -29.80
N GLU D 195 13.32 -13.65 -28.83
CA GLU D 195 12.59 -14.12 -27.66
C GLU D 195 11.18 -14.57 -28.04
N ALA D 196 10.63 -14.00 -29.11
CA ALA D 196 9.31 -14.41 -29.58
C ALA D 196 9.33 -15.81 -30.16
N VAL D 197 10.33 -16.13 -30.98
CA VAL D 197 10.42 -17.49 -31.53
C VAL D 197 10.67 -18.48 -30.40
N ARG D 198 11.46 -18.08 -29.40
CA ARG D 198 11.64 -18.93 -28.24
C ARG D 198 10.35 -19.08 -27.45
N THR D 199 9.42 -18.13 -27.59
CA THR D 199 8.12 -18.24 -26.94
C THR D 199 7.26 -19.33 -27.58
N PHE D 200 7.39 -19.51 -28.89
CA PHE D 200 6.68 -20.61 -29.56
C PHE D 200 7.30 -21.95 -29.17
N VAL D 201 8.64 -22.03 -29.23
CA VAL D 201 9.31 -23.26 -28.81
C VAL D 201 9.16 -23.47 -27.32
N GLY D 202 9.05 -22.38 -26.54
CA GLY D 202 8.89 -22.50 -25.10
C GLY D 202 7.53 -23.02 -24.69
N TYR D 203 6.52 -22.87 -25.53
CA TYR D 203 5.20 -23.41 -25.26
C TYR D 203 4.93 -24.73 -25.99
N GLY D 204 5.86 -25.16 -26.85
CA GLY D 204 5.79 -26.47 -27.47
C GLY D 204 5.53 -26.52 -28.97
N TYR D 205 5.77 -25.45 -29.71
CA TYR D 205 5.53 -25.43 -31.14
C TYR D 205 6.85 -25.57 -31.89
N ASN D 206 6.86 -26.40 -32.93
CA ASN D 206 7.99 -26.56 -33.81
C ASN D 206 7.68 -25.91 -35.16
N ILE D 207 8.67 -25.24 -35.74
CA ILE D 207 8.50 -24.52 -37.01
C ILE D 207 9.17 -25.34 -38.10
N GLU D 208 8.36 -26.02 -38.91
CA GLU D 208 8.80 -26.80 -40.05
C GLU D 208 7.88 -26.49 -41.22
N PRO D 209 8.25 -26.93 -42.42
CA PRO D 209 7.35 -26.75 -43.57
C PRO D 209 6.06 -27.54 -43.35
N SER D 210 5.02 -27.13 -44.05
CA SER D 210 3.72 -27.77 -43.92
C SER D 210 3.55 -28.89 -44.94
PB ADP E . -7.59 16.70 8.63
O1B ADP E . -6.70 16.15 9.70
O2B ADP E . -7.82 15.74 7.50
O3B ADP E . -8.86 17.28 9.17
PA ADP E . -6.77 18.66 6.55
O1A ADP E . -5.61 18.14 5.77
O2A ADP E . -8.11 18.61 5.92
O3A ADP E . -6.79 17.94 7.97
O5' ADP E . -6.47 20.15 7.04
C5' ADP E . -6.46 21.23 6.08
C4' ADP E . -5.36 22.19 6.44
O4' ADP E . -5.38 22.44 7.86
C3' ADP E . -3.95 21.70 6.09
O3' ADP E . -3.30 22.62 5.23
C2' ADP E . -3.22 21.63 7.45
O2' ADP E . -1.92 22.14 7.35
C1' ADP E . -4.07 22.50 8.35
N9 ADP E . -4.07 22.06 9.74
C8 ADP E . -4.75 20.98 10.26
N7 ADP E . -4.56 20.82 11.54
C5 ADP E . -3.69 21.83 11.89
C6 ADP E . -3.10 22.19 13.11
N6 ADP E . -3.32 21.54 14.25
N1 ADP E . -2.28 23.26 13.12
C2 ADP E . -2.06 23.91 11.97
N3 ADP E . -2.56 23.66 10.76
C4 ADP E . -3.38 22.60 10.78
H5'1 ADP E . -7.33 21.70 6.08
H5'2 ADP E . -6.31 20.86 5.17
H4' ADP E . -5.53 23.03 5.96
H3' ADP E . -3.98 20.80 5.68
HO3' ADP E . -3.78 22.71 4.54
H2' ADP E . -3.21 20.69 7.78
HO2' ADP E . -1.96 22.94 7.06
H1' ADP E . -3.74 23.43 8.30
H8 ADP E . -5.31 20.44 9.74
HN61 ADP E . -2.83 21.73 14.96
HN62 ADP E . -3.94 20.93 14.29
H2 ADP E . -1.48 24.65 12.03
N1 U1C F . -9.23 19.20 18.01
N3 U1C F . -6.99 21.86 16.38
C4 U1C F . -7.60 22.83 15.49
C5 U1C F . -6.43 23.54 14.77
C6 U1C F . -6.63 23.65 13.30
C7 U1C F . -5.62 24.60 12.98
C8 U1C F . -5.37 25.41 14.26
C10 U1C F . -3.78 27.17 13.34
C13 U1C F . -2.78 27.67 15.85
C1 U1C F . -8.37 19.79 15.93
C11 U1C F . -2.78 28.11 13.53
C12 U1C F . -2.29 28.36 14.79
C14 U1C F . -3.77 26.72 15.68
C2 U1C F . -9.19 18.82 16.60
C3 U1C F . -8.36 20.47 18.11
C9 U1C F . -4.27 26.46 14.43
N2 U1C F . -7.86 20.77 16.75
N4 U1C F . -1.27 29.35 14.98
O1 U1C F . -9.75 17.90 16.10
O2 U1C F . -8.14 21.10 19.09
O3 U1C F . -6.20 24.84 15.37
O4 U1C F . -0.64 29.72 14.08
O5 U1C F . -1.06 29.78 16.05
H1 U1C F . -9.73 18.74 18.75
H3 U1C F . -8.25 22.37 14.77
H5 U1C F . -7.61 24.08 13.12
H6 U1C F . -5.95 25.25 12.20
H7 U1C F . -4.16 26.99 12.35
H8 U1C F . -2.41 27.84 16.86
H9 U1C F . -7.54 19.27 15.47
H10 U1C F . -8.97 20.27 15.15
H11 U1C F . -2.41 28.66 12.66
H12 U1C F . -4.14 26.19 16.53
H202 U1C F . -8.15 23.57 16.06
PB ADP G . 6.54 4.33 -24.43
O1B ADP G . 7.57 4.34 -25.52
O2B ADP G . 7.06 3.77 -23.13
O3B ADP G . 5.86 5.66 -24.25
PA ADP G . 3.93 2.99 -24.31
O1A ADP G . 4.10 2.37 -22.97
O2A ADP G . 3.09 4.21 -24.44
O3A ADP G . 5.39 3.31 -24.91
O5' ADP G . 3.42 1.89 -25.36
C5' ADP G . 2.15 1.24 -25.08
C4' ADP G . 2.36 -0.24 -24.94
O4' ADP G . 2.94 -0.78 -26.15
C3' ADP G . 3.33 -0.69 -23.84
O3' ADP G . 2.70 -0.67 -22.57
C2' ADP G . 3.67 -2.11 -24.33
O2' ADP G . 2.70 -3.07 -24.01
C1' ADP G . 3.71 -1.92 -25.84
N9 ADP G . 5.05 -1.74 -26.38
C8 ADP G . 5.76 -0.56 -26.49
N7 ADP G . 6.94 -0.72 -27.04
C5 ADP G . 7.02 -2.08 -27.30
C6 ADP G . 8.02 -2.88 -27.87
N6 ADP G . 9.19 -2.40 -28.29
N1 ADP G . 7.78 -4.21 -27.99
C2 ADP G . 6.60 -4.68 -27.56
N3 ADP G . 5.58 -4.02 -27.01
C4 ADP G . 5.86 -2.72 -26.91
H5'1 ADP G . 1.51 1.42 -25.81
H5'2 ADP G . 1.78 1.61 -24.24
H4' ADP G . 1.49 -0.66 -24.79
H3' ADP G . 4.15 -0.13 -23.84
HO3' ADP G . 1.86 -0.67 -22.68
H2' ADP G . 4.56 -2.38 -24.00
HO2' ADP G . 2.06 -2.69 -23.60
H1' ADP G . 3.31 -2.70 -26.26
H8 ADP G . 5.42 0.26 -26.20
HN61 ADP G . 9.23 -1.59 -28.62
HN62 ADP G . 9.91 -2.90 -28.24
H2 ADP G . 6.48 -5.61 -27.67
N1 U1C H . 10.75 2.00 -33.73
N3 U1C H . 8.38 -0.83 -32.70
C4 U1C H . 7.98 -1.88 -33.63
C5 U1C H . 6.61 -2.49 -33.20
C6 U1C H . 6.10 -1.90 -31.95
C7 U1C H . 5.34 -2.96 -31.36
C8 U1C H . 5.74 -4.24 -32.08
C10 U1C H . 5.85 -6.75 -32.36
C13 U1C H . 4.03 -7.21 -30.38
C1 U1C H . 10.34 -0.22 -34.23
C11 U1C H . 5.48 -8.05 -32.04
C12 U1C H . 4.58 -8.26 -31.05
C14 U1C H . 4.38 -5.91 -30.68
C2 U1C H . 11.19 0.90 -34.54
C3 U1C H . 9.57 1.48 -32.88
C9 U1C H . 5.30 -5.67 -31.69
N2 U1C H . 9.39 0.04 -33.26
N4 U1C H . 4.22 -9.61 -30.70
O1 U1C H . 12.07 0.92 -35.33
O2 U1C H . 8.93 2.07 -32.07
O3 U1C H . 6.79 -3.92 -33.10
O4 U1C H . 4.21 -10.46 -31.50
O5 U1C H . 3.98 -9.87 -29.60
H1 U1C H . 11.13 2.94 -33.71
H3 U1C H . 7.88 -1.47 -34.62
H5 U1C H . 5.45 -1.06 -32.19
H6 U1C H . 5.59 -3.04 -30.31
H7 U1C H . 6.57 -6.58 -33.15
H8 U1C H . 3.30 -7.38 -29.57
H9 U1C H . 9.83 -0.49 -35.13
H10 U1C H . 10.96 -1.05 -33.89
H11 U1C H . 5.94 -8.87 -32.58
H12 U1C H . 3.94 -5.10 -30.15
H202 U1C H . 8.72 -2.66 -33.64
#